data_5CL1
#
_entry.id   5CL1
#
_cell.length_a   143.291
_cell.length_b   150.589
_cell.length_c   92.320
_cell.angle_alpha   90.000
_cell.angle_beta   90.000
_cell.angle_gamma   90.000
#
_symmetry.space_group_name_H-M   'P 21 21 2'
#
loop_
_entity.id
_entity.type
_entity.pdbx_description
1 polymer 'Maltose-binding periplasmic protein,Norrin'
2 polymer Frizzled-4
3 non-polymer 2-acetamido-2-deoxy-beta-D-glucopyranose
#
loop_
_entity_poly.entity_id
_entity_poly.type
_entity_poly.pdbx_seq_one_letter_code
_entity_poly.pdbx_strand_id
1 'polypeptide(L)'
;HHHHHHHHMAKIEEGKLVIWINGDKGYNGLAEVGKKFEKDTGIKVTVEHPDKLEEKFPQVAATGDGPDIIFWAHDRFGGY
AQSGLLAEITPDKAFQDKLYPFTWDAVRYNGKLIAYPIAVEALSLIYNKDLLPNPPKTWEEIPALDKELKAKGKSALMFN
LQEPYFTWPLIAADGGYAFKYENGKYDIKDVGVDNAGAKAGLTFLVDLIKNKHMNADTDYSIAEAAFNKGETAMTINGPW
AWSNIDTSKVNYGVTVLPTFKGQPSKPFVGVLSAGINAASPNKELAKEFLENYLLTDEGLEAVNKDKPLGAVALKSYEEE
LAKDPRIAATMENAQKGEIMPNIPQMSAFWYAVRTAVINAASGRQTVDEALKDAQTNAAAIMDSDPRRCMRHHYVDSISH
PLYKCSSKMVLLARCEGHCSQASRSEPLVSFSTVLKQPFRSSCHCCRPQTSKLKALRLRCSGGMRLTATYRYILSCHCEE
CNS
;
A,B
2 'polypeptide(L)'
;HHHHHHHHGDEEERRCDPIRISMCQNLGYNVTKMPNLVGHELQTDAELQLTTFTPLIQYGCSSQLQFFLCSVYVPMCTEK
INIPIGPCGGMCLSVKRRCEPVLKEFGFAWPESLNCSKFPPQNDHNHMCME
;
C,D
#
loop_
_chem_comp.id
_chem_comp.type
_chem_comp.name
_chem_comp.formula
NAG D-saccharide, beta linking 2-acetamido-2-deoxy-beta-D-glucopyranose 'C8 H15 N O6'
#
# COMPACT_ATOMS: atom_id res chain seq x y z
N LYS A 11 38.83 8.10 12.70
CA LYS A 11 39.52 7.62 13.93
C LYS A 11 38.80 6.41 14.51
N ILE A 12 39.18 5.22 14.04
CA ILE A 12 38.58 3.99 14.51
C ILE A 12 39.67 2.94 14.73
N GLU A 13 39.51 2.16 15.81
CA GLU A 13 40.49 1.15 16.18
C GLU A 13 40.39 -0.07 15.28
N GLU A 14 41.52 -0.47 14.70
CA GLU A 14 41.64 -1.72 13.96
C GLU A 14 42.67 -2.63 14.64
N GLY A 15 42.30 -3.89 14.84
CA GLY A 15 43.19 -4.86 15.48
C GLY A 15 43.27 -4.74 16.99
N LYS A 16 42.28 -4.07 17.60
CA LYS A 16 42.18 -4.00 19.06
C LYS A 16 40.75 -3.68 19.48
N LEU A 17 40.40 -4.03 20.72
CA LEU A 17 39.07 -3.76 21.24
C LEU A 17 39.05 -2.59 22.22
N VAL A 18 37.93 -1.87 22.23
CA VAL A 18 37.68 -0.81 23.20
C VAL A 18 36.19 -0.85 23.58
N ILE A 19 35.93 -1.06 24.87
CA ILE A 19 34.58 -1.31 25.39
C ILE A 19 34.12 -0.17 26.28
N TRP A 20 32.84 0.20 26.16
CA TRP A 20 32.22 1.23 26.98
C TRP A 20 31.18 0.62 27.90
N ILE A 21 31.23 0.99 29.18
CA ILE A 21 30.28 0.51 30.17
C ILE A 21 30.15 1.56 31.28
N ASN A 22 28.97 1.65 31.89
CA ASN A 22 28.72 2.69 32.89
C ASN A 22 29.54 2.49 34.17
N GLY A 23 29.84 3.58 34.86
CA GLY A 23 30.66 3.56 36.06
C GLY A 23 30.11 2.75 37.23
N ASP A 24 28.79 2.69 37.36
CA ASP A 24 28.16 1.90 38.42
C ASP A 24 28.25 0.39 38.18
N LYS A 25 28.55 -0.02 36.94
CA LYS A 25 28.77 -1.43 36.62
C LYS A 25 30.16 -1.86 37.07
N GLY A 26 30.43 -3.17 37.04
CA GLY A 26 31.73 -3.70 37.43
C GLY A 26 32.79 -3.52 36.35
N TYR A 27 33.25 -2.29 36.16
CA TYR A 27 34.17 -1.96 35.07
C TYR A 27 35.59 -2.48 35.28
N ASN A 28 36.03 -2.57 36.54
CA ASN A 28 37.32 -3.18 36.86
C ASN A 28 37.28 -4.69 36.61
N GLY A 29 36.14 -5.30 36.91
CA GLY A 29 35.94 -6.73 36.70
C GLY A 29 35.90 -7.14 35.23
N LEU A 30 35.40 -6.25 34.38
CA LEU A 30 35.37 -6.49 32.93
C LEU A 30 36.78 -6.37 32.34
N ALA A 31 37.61 -5.50 32.92
CA ALA A 31 38.99 -5.34 32.49
C ALA A 31 39.83 -6.56 32.82
N GLU A 32 39.43 -7.30 33.86
CA GLU A 32 40.05 -8.59 34.19
C GLU A 32 39.91 -9.58 33.04
N VAL A 33 38.71 -9.62 32.45
CA VAL A 33 38.41 -10.46 31.30
C VAL A 33 39.13 -9.92 30.07
N GLY A 34 39.20 -8.59 29.97
CA GLY A 34 39.95 -7.92 28.92
C GLY A 34 41.44 -8.24 28.91
N LYS A 35 42.00 -8.44 30.09
CA LYS A 35 43.40 -8.84 30.23
C LYS A 35 43.59 -10.31 29.81
N LYS A 36 42.61 -11.15 30.13
CA LYS A 36 42.64 -12.57 29.75
C LYS A 36 42.57 -12.76 28.23
N PHE A 37 41.85 -11.86 27.55
CA PHE A 37 41.74 -11.88 26.10
C PHE A 37 43.06 -11.47 25.46
N GLU A 38 43.74 -10.49 26.07
CA GLU A 38 45.08 -10.08 25.66
C GLU A 38 46.11 -11.16 25.92
N LYS A 39 45.92 -11.89 27.03
CA LYS A 39 46.85 -12.96 27.42
C LYS A 39 46.73 -14.21 26.54
N ASP A 40 45.60 -14.37 25.86
CA ASP A 40 45.38 -15.50 24.96
C ASP A 40 45.57 -15.12 23.51
N THR A 41 44.74 -14.18 23.05
CA THR A 41 44.67 -13.84 21.62
C THR A 41 45.80 -12.95 21.14
N GLY A 42 46.31 -12.10 22.03
CA GLY A 42 47.28 -11.06 21.65
C GLY A 42 46.56 -9.84 21.10
N ILE A 43 45.37 -9.57 21.63
CA ILE A 43 44.56 -8.43 21.24
C ILE A 43 44.16 -7.67 22.50
N LYS A 44 44.72 -6.48 22.66
CA LYS A 44 44.51 -5.70 23.88
C LYS A 44 43.09 -5.13 23.97
N VAL A 45 42.52 -5.18 25.17
CA VAL A 45 41.15 -4.75 25.42
C VAL A 45 41.16 -3.59 26.41
N THR A 46 40.64 -2.44 25.99
CA THR A 46 40.58 -1.24 26.82
C THR A 46 39.14 -0.94 27.24
N VAL A 47 38.81 -1.28 28.49
CA VAL A 47 37.49 -0.93 29.04
C VAL A 47 37.56 0.48 29.61
N GLU A 48 36.54 1.28 29.34
CA GLU A 48 36.45 2.64 29.86
C GLU A 48 35.01 3.05 30.14
N HIS A 49 34.85 3.99 31.06
CA HIS A 49 33.54 4.35 31.60
C HIS A 49 33.31 5.86 31.56
N PRO A 50 32.92 6.39 30.38
CA PRO A 50 32.62 7.82 30.24
C PRO A 50 31.31 8.20 30.90
N ASP A 51 31.15 9.49 31.17
CA ASP A 51 29.94 10.01 31.79
C ASP A 51 28.91 10.23 30.69
N LYS A 52 27.67 9.81 30.94
CA LYS A 52 26.59 9.92 29.97
C LYS A 52 26.99 9.23 28.66
N LEU A 53 27.36 7.96 28.75
CA LEU A 53 27.78 7.18 27.58
C LEU A 53 26.61 6.91 26.63
N GLU A 54 25.41 6.78 27.19
CA GLU A 54 24.19 6.59 26.39
C GLU A 54 23.85 7.84 25.56
N GLU A 55 24.24 9.01 26.05
CA GLU A 55 24.18 10.24 25.23
C GLU A 55 25.30 10.24 24.19
N LYS A 56 26.51 9.87 24.62
CA LYS A 56 27.68 9.88 23.74
C LYS A 56 27.59 8.89 22.57
N PHE A 57 27.04 7.70 22.83
CA PHE A 57 27.12 6.59 21.86
C PHE A 57 26.48 6.87 20.50
N PRO A 58 25.26 7.44 20.47
CA PRO A 58 24.67 7.84 19.20
C PRO A 58 25.52 8.81 18.38
N GLN A 59 26.08 9.82 19.03
CA GLN A 59 26.84 10.86 18.33
C GLN A 59 28.15 10.33 17.75
N VAL A 60 28.91 9.60 18.56
CA VAL A 60 30.21 9.06 18.12
C VAL A 60 30.06 7.96 17.07
N ALA A 61 29.05 7.12 17.22
CA ALA A 61 28.79 6.03 16.28
C ALA A 61 28.28 6.54 14.92
N ALA A 62 27.51 7.62 14.94
CA ALA A 62 26.95 8.20 13.72
C ALA A 62 28.03 8.69 12.75
N THR A 63 29.09 9.28 13.28
CA THR A 63 30.22 9.74 12.46
C THR A 63 31.11 8.58 11.99
N GLY A 64 31.15 7.51 12.77
CA GLY A 64 31.99 6.33 12.46
C GLY A 64 32.90 5.92 13.60
N ASP A 65 33.16 6.87 14.52
CA ASP A 65 34.01 6.62 15.67
C ASP A 65 33.25 5.86 16.76
N GLY A 66 33.80 5.79 17.96
CA GLY A 66 33.12 5.17 19.10
C GLY A 66 33.72 3.84 19.48
N PRO A 67 33.08 3.12 20.41
CA PRO A 67 33.60 1.84 20.87
C PRO A 67 33.33 0.71 19.89
N ASP A 68 33.89 -0.46 20.18
CA ASP A 68 33.55 -1.68 19.47
C ASP A 68 32.29 -2.29 20.08
N ILE A 69 32.33 -2.48 21.41
CA ILE A 69 31.19 -3.00 22.15
C ILE A 69 30.61 -1.91 23.04
N ILE A 70 29.30 -1.98 23.29
CA ILE A 70 28.62 -1.02 24.17
C ILE A 70 27.74 -1.78 25.17
N PHE A 71 27.79 -1.36 26.43
CA PHE A 71 27.02 -1.99 27.51
C PHE A 71 25.95 -1.04 28.07
N TRP A 72 24.68 -1.44 27.93
CA TRP A 72 23.56 -0.68 28.47
C TRP A 72 22.29 -1.52 28.50
N ALA A 73 21.30 -1.09 29.27
CA ALA A 73 19.98 -1.72 29.30
C ALA A 73 19.38 -1.83 27.90
N HIS A 74 18.56 -2.85 27.71
CA HIS A 74 18.02 -3.21 26.39
C HIS A 74 17.05 -2.19 25.81
N ASP A 75 16.37 -1.43 26.67
CA ASP A 75 15.36 -0.47 26.22
C ASP A 75 15.93 0.63 25.32
N ARG A 76 17.20 0.99 25.56
CA ARG A 76 17.88 2.04 24.81
C ARG A 76 18.38 1.54 23.45
N PHE A 77 18.64 0.24 23.35
CA PHE A 77 19.21 -0.37 22.15
C PHE A 77 18.25 -0.38 20.95
N GLY A 78 16.95 -0.33 21.21
CA GLY A 78 15.94 -0.23 20.15
C GLY A 78 16.10 1.03 19.33
N GLY A 79 16.46 2.13 20.00
CA GLY A 79 16.71 3.41 19.35
C GLY A 79 17.98 3.43 18.52
N TYR A 80 19.03 2.78 19.04
CA TYR A 80 20.31 2.69 18.32
C TYR A 80 20.18 1.75 17.13
N ALA A 81 19.42 0.66 17.31
CA ALA A 81 19.20 -0.33 16.27
C ALA A 81 18.41 0.23 15.09
N GLN A 82 17.48 1.16 15.38
CA GLN A 82 16.68 1.80 14.34
C GLN A 82 17.54 2.68 13.44
N SER A 83 18.50 3.40 14.03
CA SER A 83 19.44 4.22 13.29
C SER A 83 20.49 3.38 12.56
N GLY A 84 20.65 2.13 12.99
CA GLY A 84 21.57 1.18 12.34
C GLY A 84 22.98 1.29 12.85
N LEU A 85 23.12 1.70 14.11
CA LEU A 85 24.42 1.90 14.72
C LEU A 85 24.99 0.59 15.27
N LEU A 86 24.11 -0.30 15.70
CA LEU A 86 24.53 -1.63 16.17
C LEU A 86 24.57 -2.60 15.00
N ALA A 87 25.46 -3.59 15.10
CA ALA A 87 25.58 -4.64 14.08
C ALA A 87 24.75 -5.86 14.48
N GLU A 88 24.42 -6.67 13.48
CA GLU A 88 23.65 -7.89 13.70
C GLU A 88 24.57 -9.00 14.21
N ILE A 89 24.22 -9.57 15.36
CA ILE A 89 24.97 -10.69 15.93
C ILE A 89 24.50 -12.01 15.33
N THR A 90 25.39 -13.00 15.31
CA THR A 90 25.06 -14.32 14.78
C THR A 90 25.55 -15.43 15.72
N PRO A 91 24.79 -15.68 16.81
CA PRO A 91 25.04 -16.82 17.67
C PRO A 91 24.30 -18.04 17.19
N ASP A 92 25.00 -19.17 17.07
CA ASP A 92 24.38 -20.42 16.63
C ASP A 92 23.36 -20.94 17.65
N LYS A 93 22.56 -21.91 17.23
CA LYS A 93 21.54 -22.55 18.09
C LYS A 93 22.11 -23.07 19.40
N ALA A 94 23.33 -23.62 19.32
CA ALA A 94 24.03 -24.14 20.50
C ALA A 94 24.24 -23.06 21.55
N PHE A 95 24.73 -21.90 21.11
CA PHE A 95 24.98 -20.77 22.02
C PHE A 95 23.71 -20.10 22.51
N GLN A 96 22.67 -20.07 21.67
CA GLN A 96 21.38 -19.50 22.07
C GLN A 96 20.74 -20.27 23.22
N ASP A 97 21.01 -21.57 23.30
CA ASP A 97 20.51 -22.39 24.40
C ASP A 97 21.21 -22.10 25.73
N LYS A 98 22.46 -21.61 25.68
CA LYS A 98 23.21 -21.25 26.88
C LYS A 98 22.46 -20.26 27.76
N LEU A 99 21.91 -19.23 27.12
CA LEU A 99 21.16 -18.18 27.81
C LEU A 99 19.69 -18.53 27.90
N TYR A 100 18.95 -17.81 28.73
CA TYR A 100 17.50 -18.03 28.87
C TYR A 100 16.77 -17.56 27.62
N PRO A 101 15.63 -18.20 27.28
CA PRO A 101 14.93 -17.81 26.05
C PRO A 101 14.34 -16.40 26.09
N PHE A 102 13.83 -15.97 27.24
CA PHE A 102 13.17 -14.68 27.36
C PHE A 102 14.14 -13.50 27.24
N THR A 103 15.42 -13.70 27.61
CA THR A 103 16.42 -12.65 27.49
C THR A 103 16.75 -12.33 26.03
N TRP A 104 16.69 -13.33 25.16
CA TRP A 104 16.92 -13.13 23.72
C TRP A 104 15.81 -12.26 23.09
N ASP A 105 14.59 -12.36 23.61
CA ASP A 105 13.47 -11.56 23.13
C ASP A 105 13.66 -10.06 23.42
N ALA A 106 14.39 -9.76 24.50
CA ALA A 106 14.67 -8.38 24.90
C ALA A 106 15.67 -7.66 23.99
N VAL A 107 16.44 -8.42 23.21
CA VAL A 107 17.46 -7.84 22.34
C VAL A 107 17.19 -8.22 20.88
N ARG A 108 16.03 -7.82 20.38
CA ARG A 108 15.58 -8.21 19.05
C ARG A 108 14.76 -7.09 18.39
N TYR A 109 15.32 -6.52 17.33
CA TYR A 109 14.68 -5.41 16.61
C TYR A 109 14.35 -5.83 15.17
N ASN A 110 13.06 -5.86 14.87
CA ASN A 110 12.53 -6.30 13.57
C ASN A 110 13.02 -7.69 13.16
N GLY A 111 13.08 -8.61 14.12
CA GLY A 111 13.51 -9.98 13.86
C GLY A 111 15.00 -10.24 14.02
N LYS A 112 15.82 -9.25 13.65
CA LYS A 112 17.28 -9.41 13.70
C LYS A 112 17.81 -9.17 15.13
N LEU A 113 18.65 -10.07 15.61
CA LEU A 113 19.27 -9.94 16.92
C LEU A 113 20.41 -8.92 16.88
N ILE A 114 20.40 -8.00 17.83
CA ILE A 114 21.29 -6.83 17.79
C ILE A 114 22.29 -6.71 18.96
N ALA A 115 22.13 -7.53 19.99
CA ALA A 115 23.00 -7.49 21.16
C ALA A 115 22.91 -8.76 22.00
N TYR A 116 23.96 -9.02 22.79
CA TYR A 116 24.01 -10.16 23.71
C TYR A 116 23.49 -9.76 25.09
N PRO A 117 22.53 -10.53 25.65
CA PRO A 117 22.11 -10.26 27.02
C PRO A 117 23.19 -10.61 28.04
N ILE A 118 23.16 -9.93 29.19
CA ILE A 118 24.12 -10.18 30.26
C ILE A 118 23.38 -10.41 31.58
N ALA A 119 22.68 -9.38 32.05
CA ALA A 119 22.03 -9.43 33.38
C ALA A 119 20.55 -9.12 33.29
N VAL A 120 19.83 -9.36 34.39
CA VAL A 120 18.39 -9.18 34.44
C VAL A 120 17.96 -8.46 35.71
N GLU A 121 17.34 -7.28 35.56
CA GLU A 121 16.87 -6.49 36.69
C GLU A 121 15.35 -6.44 36.73
N ALA A 122 14.78 -6.60 37.93
CA ALA A 122 13.34 -6.56 38.12
C ALA A 122 12.98 -6.37 39.59
N LEU A 123 11.83 -5.74 39.83
CA LEU A 123 11.34 -5.53 41.19
C LEU A 123 11.03 -6.85 41.88
N SER A 124 11.28 -6.90 43.18
CA SER A 124 11.08 -8.11 43.97
C SER A 124 10.49 -7.76 45.33
N LEU A 125 9.72 -8.67 45.91
CA LEU A 125 9.09 -8.43 47.21
C LEU A 125 10.10 -8.64 48.33
N ILE A 126 10.45 -7.54 49.01
CA ILE A 126 11.36 -7.58 50.14
C ILE A 126 10.54 -7.56 51.42
N TYR A 127 10.77 -8.53 52.31
CA TYR A 127 9.97 -8.68 53.53
C TYR A 127 10.86 -8.82 54.76
N ASN A 128 10.28 -8.50 55.92
CA ASN A 128 11.00 -8.56 57.19
C ASN A 128 10.84 -9.93 57.83
N LYS A 129 11.95 -10.68 57.91
CA LYS A 129 11.94 -12.06 58.41
C LYS A 129 11.53 -12.16 59.87
N ASP A 130 11.91 -11.17 60.68
CA ASP A 130 11.57 -11.15 62.10
C ASP A 130 10.09 -10.93 62.31
N LEU A 131 9.55 -9.88 61.69
CA LEU A 131 8.13 -9.55 61.80
C LEU A 131 7.25 -10.51 61.01
N LEU A 132 7.81 -11.11 59.95
CA LEU A 132 7.03 -11.94 59.04
C LEU A 132 7.91 -13.06 58.46
N PRO A 133 7.95 -14.23 59.14
CA PRO A 133 8.77 -15.35 58.64
C PRO A 133 8.28 -15.91 57.30
N ASN A 134 6.97 -16.01 57.12
CA ASN A 134 6.36 -16.48 55.88
C ASN A 134 5.60 -15.35 55.19
N PRO A 135 6.05 -14.92 53.99
CA PRO A 135 5.38 -13.83 53.28
C PRO A 135 4.09 -14.27 52.61
N PRO A 136 3.27 -13.31 52.16
CA PRO A 136 2.01 -13.61 51.50
C PRO A 136 2.20 -13.96 50.02
N LYS A 137 1.56 -15.05 49.59
CA LYS A 137 1.61 -15.47 48.19
C LYS A 137 0.60 -14.68 47.35
N THR A 138 -0.41 -14.10 48.01
CA THR A 138 -1.52 -13.44 47.32
C THR A 138 -1.64 -11.98 47.76
N TRP A 139 -2.11 -11.13 46.85
CA TRP A 139 -2.40 -9.73 47.17
C TRP A 139 -3.65 -9.58 48.04
N GLU A 140 -4.63 -10.46 47.83
CA GLU A 140 -5.94 -10.38 48.50
C GLU A 140 -5.86 -10.50 50.02
N GLU A 141 -4.87 -11.25 50.51
CA GLU A 141 -4.74 -11.48 51.96
C GLU A 141 -3.96 -10.37 52.69
N ILE A 142 -3.44 -9.40 51.95
CA ILE A 142 -2.69 -8.28 52.55
C ILE A 142 -3.58 -7.35 53.40
N PRO A 143 -4.76 -6.96 52.89
CA PRO A 143 -5.70 -6.20 53.72
C PRO A 143 -5.97 -6.84 55.09
N ALA A 144 -6.11 -8.17 55.11
CA ALA A 144 -6.33 -8.91 56.36
C ALA A 144 -5.06 -8.93 57.22
N LEU A 145 -3.91 -9.06 56.59
CA LEU A 145 -2.62 -9.06 57.28
C LEU A 145 -2.32 -7.70 57.90
N ASP A 146 -2.70 -6.62 57.23
CA ASP A 146 -2.40 -5.26 57.70
C ASP A 146 -3.12 -4.92 59.01
N LYS A 147 -4.39 -5.32 59.11
CA LYS A 147 -5.19 -5.07 60.32
C LYS A 147 -4.60 -5.78 61.55
N GLU A 148 -3.94 -6.91 61.33
CA GLU A 148 -3.28 -7.66 62.41
C GLU A 148 -1.99 -6.98 62.85
N LEU A 149 -1.26 -6.40 61.91
CA LEU A 149 -0.03 -5.66 62.22
C LEU A 149 -0.30 -4.25 62.73
N LYS A 150 -1.44 -3.66 62.34
CA LYS A 150 -1.87 -2.36 62.84
C LYS A 150 -2.19 -2.41 64.34
N ALA A 151 -2.56 -3.58 64.84
CA ALA A 151 -2.73 -3.79 66.28
C ALA A 151 -1.39 -3.71 67.03
N LYS A 152 -0.32 -4.11 66.37
CA LYS A 152 1.03 -4.05 66.94
C LYS A 152 1.77 -2.74 66.63
N GLY A 153 1.09 -1.78 66.01
CA GLY A 153 1.69 -0.50 65.65
C GLY A 153 2.61 -0.58 64.45
N LYS A 154 2.26 -1.45 63.50
CA LYS A 154 3.04 -1.66 62.28
C LYS A 154 2.11 -1.68 61.06
N SER A 155 2.69 -1.84 59.89
CA SER A 155 1.93 -1.98 58.64
C SER A 155 2.45 -3.17 57.85
N ALA A 156 1.65 -3.63 56.89
CA ALA A 156 1.99 -4.81 56.10
C ALA A 156 2.91 -4.47 54.94
N LEU A 157 2.46 -3.56 54.07
CA LEU A 157 3.17 -3.23 52.84
C LEU A 157 3.24 -1.73 52.63
N MET A 158 4.42 -1.24 52.22
CA MET A 158 4.61 0.17 51.87
C MET A 158 5.64 0.30 50.76
N PHE A 159 5.25 0.95 49.66
CA PHE A 159 6.18 1.23 48.56
C PHE A 159 5.82 2.49 47.78
N ASN A 160 6.75 2.91 46.92
CA ASN A 160 6.62 4.15 46.15
C ASN A 160 5.41 4.14 45.22
N LEU A 161 4.33 4.77 45.65
CA LEU A 161 3.10 4.82 44.87
C LEU A 161 3.10 5.85 43.74
N GLN A 162 4.03 6.81 43.81
CA GLN A 162 4.06 7.92 42.86
C GLN A 162 4.43 7.45 41.46
N GLU A 163 5.57 6.76 41.34
CA GLU A 163 6.06 6.30 40.05
C GLU A 163 5.27 5.07 39.58
N PRO A 164 4.99 4.98 38.26
CA PRO A 164 4.30 3.80 37.71
C PRO A 164 5.09 2.49 37.79
N TYR A 165 6.41 2.57 37.63
CA TYR A 165 7.29 1.40 37.68
C TYR A 165 7.02 0.49 38.87
N PHE A 166 6.71 1.09 40.03
CA PHE A 166 6.48 0.35 41.27
C PHE A 166 5.03 -0.13 41.42
N THR A 167 4.08 0.62 40.87
CA THR A 167 2.66 0.31 40.96
C THR A 167 2.14 -0.59 39.82
N TRP A 168 2.90 -0.68 38.74
CA TRP A 168 2.50 -1.42 37.55
C TRP A 168 2.34 -2.94 37.74
N PRO A 169 3.25 -3.58 38.51
CA PRO A 169 3.15 -5.03 38.74
C PRO A 169 1.77 -5.51 39.15
N LEU A 170 1.09 -4.74 40.00
CA LEU A 170 -0.27 -5.07 40.44
C LEU A 170 -1.25 -4.91 39.28
N ILE A 171 -1.10 -3.83 38.53
CA ILE A 171 -2.02 -3.50 37.42
C ILE A 171 -1.92 -4.52 36.29
N ALA A 172 -0.70 -4.87 35.89
CA ALA A 172 -0.47 -5.76 34.76
C ALA A 172 -0.73 -7.24 35.05
N ALA A 173 -1.04 -7.58 36.31
CA ALA A 173 -1.21 -8.96 36.72
C ALA A 173 -2.37 -9.67 36.00
N ASP A 174 -3.52 -9.02 35.96
CA ASP A 174 -4.75 -9.63 35.44
C ASP A 174 -4.97 -9.39 33.94
N GLY A 175 -3.92 -9.01 33.21
CA GLY A 175 -3.99 -8.81 31.76
C GLY A 175 -3.86 -7.37 31.30
N GLY A 176 -3.02 -6.59 32.00
CA GLY A 176 -2.68 -5.24 31.57
C GLY A 176 -1.33 -5.22 30.89
N TYR A 177 -1.14 -4.27 29.98
CA TYR A 177 0.12 -4.16 29.23
C TYR A 177 0.29 -2.78 28.60
N ALA A 178 1.54 -2.39 28.37
CA ALA A 178 1.86 -1.11 27.76
C ALA A 178 1.65 -1.17 26.24
N PHE A 179 2.35 -2.10 25.59
CA PHE A 179 2.23 -2.32 24.16
C PHE A 179 2.34 -3.81 23.86
N LYS A 180 1.55 -4.29 22.91
CA LYS A 180 1.52 -5.71 22.56
C LYS A 180 2.76 -6.10 21.74
N TYR A 181 3.45 -7.14 22.21
CA TYR A 181 4.66 -7.68 21.57
C TYR A 181 4.33 -9.08 21.06
N GLU A 182 3.84 -9.15 19.82
CA GLU A 182 3.23 -10.37 19.28
C GLU A 182 4.13 -11.17 18.33
N ASN A 183 5.06 -10.52 17.65
CA ASN A 183 5.91 -11.19 16.66
C ASN A 183 7.22 -10.44 16.42
N GLY A 184 8.01 -10.30 17.48
CA GLY A 184 9.26 -9.55 17.43
C GLY A 184 9.06 -8.11 17.01
N LYS A 185 7.95 -7.51 17.46
CA LYS A 185 7.54 -6.18 17.04
C LYS A 185 6.46 -5.62 17.98
N TYR A 186 6.67 -4.38 18.46
CA TYR A 186 5.75 -3.73 19.40
C TYR A 186 4.71 -2.89 18.66
N ASP A 187 3.45 -3.31 18.71
CA ASP A 187 2.35 -2.58 18.08
C ASP A 187 1.98 -1.35 18.92
N ILE A 188 2.34 -0.17 18.41
CA ILE A 188 2.12 1.07 19.15
C ILE A 188 0.64 1.41 19.38
N LYS A 189 -0.22 1.05 18.43
CA LYS A 189 -1.66 1.26 18.57
C LYS A 189 -2.32 -0.02 19.10
N ASP A 190 -1.89 -0.43 20.29
CA ASP A 190 -2.41 -1.62 20.96
C ASP A 190 -2.04 -1.52 22.44
N VAL A 191 -2.66 -0.56 23.12
CA VAL A 191 -2.34 -0.28 24.52
C VAL A 191 -3.36 -0.93 25.43
N GLY A 192 -2.86 -1.59 26.48
CA GLY A 192 -3.70 -2.34 27.41
C GLY A 192 -3.72 -1.74 28.80
N VAL A 193 -4.02 -0.45 28.91
CA VAL A 193 -4.22 0.18 30.21
C VAL A 193 -5.71 0.39 30.52
N ASP A 194 -6.55 0.35 29.48
CA ASP A 194 -7.99 0.58 29.63
C ASP A 194 -8.79 -0.71 29.86
N ASN A 195 -8.23 -1.84 29.45
CA ASN A 195 -8.95 -3.13 29.53
C ASN A 195 -9.25 -3.58 30.96
N ALA A 196 -10.08 -4.61 31.09
CA ALA A 196 -10.54 -5.10 32.39
C ALA A 196 -9.43 -5.67 33.29
N GLY A 197 -8.35 -6.16 32.67
CA GLY A 197 -7.21 -6.67 33.42
C GLY A 197 -6.54 -5.58 34.24
N ALA A 198 -6.18 -4.50 33.58
CA ALA A 198 -5.58 -3.33 34.24
C ALA A 198 -6.61 -2.58 35.09
N LYS A 199 -7.89 -2.69 34.72
CA LYS A 199 -8.99 -2.06 35.45
C LYS A 199 -9.10 -2.60 36.87
N ALA A 200 -9.08 -3.93 36.99
CA ALA A 200 -9.27 -4.60 38.29
C ALA A 200 -8.08 -4.42 39.23
N GLY A 201 -6.86 -4.38 38.68
CA GLY A 201 -5.65 -4.21 39.47
C GLY A 201 -5.58 -2.85 40.15
N LEU A 202 -5.80 -1.80 39.39
CA LEU A 202 -5.77 -0.43 39.92
C LEU A 202 -6.94 -0.19 40.88
N THR A 203 -8.08 -0.82 40.63
CA THR A 203 -9.22 -0.70 41.52
C THR A 203 -8.92 -1.34 42.88
N PHE A 204 -8.22 -2.47 42.87
CA PHE A 204 -7.78 -3.12 44.11
C PHE A 204 -6.73 -2.29 44.84
N LEU A 205 -5.85 -1.64 44.07
CA LEU A 205 -4.84 -0.74 44.61
C LEU A 205 -5.48 0.49 45.27
N VAL A 206 -6.50 1.04 44.62
CA VAL A 206 -7.24 2.20 45.15
C VAL A 206 -8.01 1.82 46.42
N ASP A 207 -8.56 0.60 46.46
CA ASP A 207 -9.25 0.11 47.66
C ASP A 207 -8.31 0.11 48.86
N LEU A 208 -7.09 -0.40 48.68
CA LEU A 208 -6.08 -0.41 49.75
C LEU A 208 -5.79 0.98 50.30
N ILE A 209 -5.79 1.98 49.44
CA ILE A 209 -5.47 3.35 49.83
C ILE A 209 -6.57 3.96 50.70
N LYS A 210 -7.82 3.88 50.25
CA LYS A 210 -8.94 4.48 51.00
C LYS A 210 -9.45 3.60 52.15
N ASN A 211 -8.93 2.38 52.27
CA ASN A 211 -9.16 1.54 53.46
C ASN A 211 -8.14 1.82 54.57
N LYS A 212 -7.27 2.79 54.35
CA LYS A 212 -6.23 3.18 55.31
C LYS A 212 -5.23 2.07 55.62
N HIS A 213 -4.98 1.21 54.62
CA HIS A 213 -3.85 0.28 54.65
C HIS A 213 -2.62 0.93 54.04
N MET A 214 -2.82 2.02 53.30
CA MET A 214 -1.77 2.68 52.54
C MET A 214 -2.09 4.16 52.32
N ASN A 215 -1.07 5.00 52.30
CA ASN A 215 -1.24 6.44 52.05
C ASN A 215 -0.96 6.74 50.58
N ALA A 216 -1.81 7.56 49.97
CA ALA A 216 -1.66 7.91 48.54
C ALA A 216 -0.37 8.67 48.25
N ASP A 217 0.05 9.50 49.20
CA ASP A 217 1.21 10.38 49.02
C ASP A 217 2.53 9.79 49.57
N THR A 218 2.65 8.47 49.57
CA THR A 218 3.90 7.81 49.94
C THR A 218 4.86 7.85 48.75
N ASP A 219 6.13 8.11 49.02
CA ASP A 219 7.16 8.22 47.99
C ASP A 219 8.32 7.28 48.27
N TYR A 220 9.33 7.27 47.40
CA TYR A 220 10.48 6.39 47.55
C TYR A 220 11.21 6.60 48.87
N SER A 221 11.31 7.86 49.32
CA SER A 221 12.01 8.19 50.56
C SER A 221 11.32 7.59 51.78
N ILE A 222 10.02 7.79 51.89
CA ILE A 222 9.22 7.27 53.01
C ILE A 222 9.08 5.75 52.92
N ALA A 223 9.05 5.22 51.70
CA ALA A 223 8.95 3.77 51.47
C ALA A 223 10.12 3.03 52.10
N GLU A 224 11.34 3.46 51.76
CA GLU A 224 12.56 2.84 52.26
C GLU A 224 12.77 3.12 53.74
N ALA A 225 12.56 4.37 54.15
CA ALA A 225 12.71 4.77 55.55
C ALA A 225 11.80 3.98 56.49
N ALA A 226 10.61 3.64 56.02
CA ALA A 226 9.66 2.85 56.79
C ALA A 226 10.17 1.44 57.04
N PHE A 227 10.63 0.77 55.98
CA PHE A 227 11.09 -0.61 56.06
C PHE A 227 12.42 -0.75 56.79
N ASN A 228 13.32 0.21 56.59
CA ASN A 228 14.63 0.19 57.24
C ASN A 228 14.56 0.33 58.75
N LYS A 229 13.55 1.05 59.25
CA LYS A 229 13.35 1.21 60.70
C LYS A 229 12.45 0.11 61.30
N GLY A 230 12.01 -0.84 60.49
CA GLY A 230 11.15 -1.92 60.96
C GLY A 230 9.73 -1.49 61.24
N GLU A 231 9.29 -0.42 60.58
CA GLU A 231 7.95 0.14 60.76
C GLU A 231 6.94 -0.44 59.75
N THR A 232 7.43 -1.19 58.77
CA THR A 232 6.58 -1.94 57.86
C THR A 232 7.19 -3.32 57.57
N ALA A 233 6.32 -4.31 57.39
CA ALA A 233 6.75 -5.70 57.23
C ALA A 233 7.25 -6.02 55.82
N MET A 234 6.79 -5.27 54.82
CA MET A 234 7.15 -5.53 53.42
C MET A 234 7.34 -4.24 52.62
N THR A 235 7.93 -4.41 51.44
CA THR A 235 8.12 -3.33 50.48
C THR A 235 8.45 -3.94 49.11
N ILE A 236 8.59 -3.08 48.10
CA ILE A 236 8.90 -3.54 46.75
C ILE A 236 10.02 -2.66 46.18
N ASN A 237 11.15 -3.29 45.83
CA ASN A 237 12.29 -2.57 45.29
C ASN A 237 13.28 -3.51 44.61
N GLY A 238 14.17 -2.93 43.80
CA GLY A 238 15.15 -3.72 43.04
C GLY A 238 16.37 -4.14 43.85
N PRO A 239 17.37 -4.74 43.17
CA PRO A 239 18.64 -5.08 43.83
C PRO A 239 19.44 -3.87 44.31
N TRP A 240 19.38 -2.78 43.56
CA TRP A 240 20.12 -1.55 43.89
C TRP A 240 19.99 -1.08 45.34
N ALA A 241 18.80 -1.27 45.92
CA ALA A 241 18.52 -0.80 47.28
C ALA A 241 18.86 -1.82 48.36
N TRP A 242 19.50 -2.92 48.01
CA TRP A 242 19.95 -3.90 49.00
C TRP A 242 21.04 -3.33 49.90
N SER A 243 21.94 -2.51 49.33
CA SER A 243 23.04 -1.90 50.09
C SER A 243 22.54 -1.05 51.26
N ASN A 244 21.44 -0.34 51.07
CA ASN A 244 20.81 0.45 52.13
C ASN A 244 20.18 -0.44 53.20
N ILE A 245 19.52 -1.51 52.77
CA ILE A 245 18.83 -2.42 53.69
C ILE A 245 19.83 -3.19 54.55
N ASP A 246 21.02 -3.45 54.00
CA ASP A 246 22.10 -4.09 54.75
C ASP A 246 22.55 -3.21 55.92
N THR A 247 22.61 -1.90 55.66
CA THR A 247 23.04 -0.92 56.66
C THR A 247 22.05 -0.81 57.83
N SER A 248 20.77 -0.99 57.55
CA SER A 248 19.73 -0.87 58.57
C SER A 248 19.70 -2.04 59.56
N LYS A 249 20.41 -3.12 59.25
CA LYS A 249 20.49 -4.32 60.10
C LYS A 249 19.11 -4.95 60.39
N VAL A 250 18.21 -4.85 59.42
CA VAL A 250 16.91 -5.50 59.47
C VAL A 250 17.07 -6.86 58.80
N ASN A 251 16.88 -7.94 59.56
CA ASN A 251 16.97 -9.28 58.99
C ASN A 251 15.87 -9.48 57.95
N TYR A 252 16.27 -9.55 56.68
CA TYR A 252 15.35 -9.45 55.55
C TYR A 252 15.61 -10.51 54.49
N GLY A 253 14.60 -10.74 53.65
CA GLY A 253 14.68 -11.69 52.55
C GLY A 253 13.94 -11.18 51.34
N VAL A 254 14.38 -11.60 50.16
CA VAL A 254 13.77 -11.21 48.90
C VAL A 254 13.06 -12.43 48.31
N THR A 255 11.80 -12.25 47.92
CA THR A 255 10.99 -13.34 47.39
C THR A 255 10.15 -12.89 46.20
N VAL A 256 9.39 -13.83 45.64
CA VAL A 256 8.51 -13.56 44.51
C VAL A 256 7.39 -12.58 44.90
N LEU A 257 6.95 -11.78 43.94
CA LEU A 257 5.84 -10.85 44.16
C LEU A 257 4.52 -11.62 44.28
N PRO A 258 3.53 -11.04 44.99
CA PRO A 258 2.30 -11.79 45.24
C PRO A 258 1.38 -11.88 44.01
N THR A 259 0.51 -12.88 43.98
CA THR A 259 -0.37 -13.16 42.86
C THR A 259 -1.74 -12.48 43.02
N PHE A 260 -2.07 -11.59 42.07
CA PHE A 260 -3.37 -10.91 42.07
C PHE A 260 -4.39 -11.71 41.27
N LYS A 261 -5.46 -12.13 41.94
CA LYS A 261 -6.53 -12.93 41.34
C LYS A 261 -6.01 -14.21 40.69
N GLY A 262 -5.01 -14.83 41.32
CA GLY A 262 -4.39 -16.05 40.82
C GLY A 262 -3.21 -15.82 39.88
N GLN A 263 -3.27 -14.74 39.10
CA GLN A 263 -2.23 -14.43 38.12
C GLN A 263 -0.99 -13.84 38.78
N PRO A 264 0.18 -13.96 38.12
CA PRO A 264 1.41 -13.38 38.65
C PRO A 264 1.56 -11.90 38.32
N SER A 265 2.15 -11.14 39.24
CA SER A 265 2.43 -9.72 39.02
C SER A 265 3.56 -9.55 38.01
N LYS A 266 3.40 -8.57 37.11
CA LYS A 266 4.35 -8.36 36.01
C LYS A 266 5.13 -7.05 36.17
N PRO A 267 6.29 -7.09 36.84
CA PRO A 267 7.15 -5.91 36.89
C PRO A 267 7.92 -5.70 35.59
N PHE A 268 8.31 -4.46 35.32
CA PHE A 268 9.07 -4.14 34.12
C PHE A 268 10.49 -4.66 34.27
N VAL A 269 10.98 -5.36 33.25
CA VAL A 269 12.27 -6.03 33.31
C VAL A 269 13.32 -5.30 32.47
N GLY A 270 14.38 -4.85 33.12
CA GLY A 270 15.55 -4.34 32.43
C GLY A 270 16.50 -5.50 32.12
N VAL A 271 17.27 -5.35 31.05
CA VAL A 271 18.21 -6.39 30.62
C VAL A 271 19.51 -5.75 30.14
N LEU A 272 20.53 -5.78 31.00
CA LEU A 272 21.85 -5.26 30.65
C LEU A 272 22.37 -6.06 29.46
N SER A 273 22.57 -5.37 28.35
CA SER A 273 22.94 -6.02 27.10
C SER A 273 24.23 -5.44 26.55
N ALA A 274 24.84 -6.18 25.63
CA ALA A 274 26.11 -5.80 25.04
C ALA A 274 26.02 -5.92 23.52
N GLY A 275 25.94 -4.78 22.84
CA GLY A 275 25.84 -4.74 21.39
C GLY A 275 27.17 -4.38 20.75
N ILE A 276 27.36 -4.81 19.50
CA ILE A 276 28.55 -4.47 18.74
C ILE A 276 28.21 -3.29 17.83
N ASN A 277 29.17 -2.36 17.70
CA ASN A 277 29.01 -1.20 16.84
C ASN A 277 29.13 -1.59 15.37
N ALA A 278 28.31 -0.97 14.53
CA ALA A 278 28.34 -1.22 13.08
C ALA A 278 29.61 -0.67 12.45
N ALA A 279 30.10 0.44 12.99
CA ALA A 279 31.32 1.08 12.50
C ALA A 279 32.60 0.30 12.85
N SER A 280 32.50 -0.63 13.81
CA SER A 280 33.64 -1.43 14.22
C SER A 280 34.12 -2.36 13.11
N PRO A 281 35.44 -2.39 12.85
CA PRO A 281 36.01 -3.38 11.93
C PRO A 281 36.35 -4.71 12.63
N ASN A 282 36.26 -4.72 13.96
CA ASN A 282 36.65 -5.88 14.75
C ASN A 282 35.41 -6.64 15.25
N LYS A 283 34.52 -6.97 14.31
CA LYS A 283 33.26 -7.64 14.65
C LYS A 283 33.49 -9.07 15.12
N GLU A 284 34.35 -9.81 14.40
CA GLU A 284 34.72 -11.18 14.76
C GLU A 284 35.40 -11.26 16.12
N LEU A 285 36.37 -10.37 16.33
CA LEU A 285 37.11 -10.30 17.58
C LEU A 285 36.16 -9.98 18.74
N ALA A 286 35.32 -8.97 18.53
CA ALA A 286 34.32 -8.56 19.52
C ALA A 286 33.35 -9.68 19.83
N LYS A 287 32.94 -10.42 18.81
CA LYS A 287 31.98 -11.51 18.97
C LYS A 287 32.53 -12.62 19.85
N GLU A 288 33.81 -12.96 19.68
CA GLU A 288 34.39 -14.04 20.47
C GLU A 288 34.58 -13.62 21.93
N PHE A 289 34.96 -12.36 22.16
CA PHE A 289 35.11 -11.83 23.50
C PHE A 289 33.81 -11.95 24.32
N LEU A 290 32.69 -11.65 23.69
CA LEU A 290 31.39 -11.73 24.36
C LEU A 290 30.94 -13.19 24.54
N GLU A 291 31.11 -13.99 23.50
CA GLU A 291 30.63 -15.37 23.51
C GLU A 291 31.54 -16.30 24.32
N ASN A 292 32.80 -16.39 23.93
CA ASN A 292 33.71 -17.36 24.53
C ASN A 292 34.34 -16.93 25.85
N TYR A 293 34.71 -15.64 25.95
CA TYR A 293 35.45 -15.15 27.12
C TYR A 293 34.55 -14.59 28.22
N LEU A 294 33.67 -13.66 27.86
CA LEU A 294 32.81 -13.01 28.84
C LEU A 294 31.72 -13.94 29.37
N LEU A 295 30.88 -14.45 28.47
CA LEU A 295 29.75 -15.29 28.88
C LEU A 295 30.20 -16.72 29.23
N THR A 296 30.90 -16.83 30.35
CA THR A 296 31.28 -18.11 30.95
C THR A 296 31.26 -17.96 32.47
N ASP A 297 31.28 -19.09 33.17
CA ASP A 297 31.29 -19.06 34.63
C ASP A 297 32.51 -18.32 35.17
N GLU A 298 33.62 -18.35 34.43
CA GLU A 298 34.83 -17.64 34.81
C GLU A 298 34.70 -16.16 34.48
N GLY A 299 34.21 -15.86 33.28
CA GLY A 299 34.10 -14.49 32.81
C GLY A 299 33.13 -13.64 33.60
N LEU A 300 31.94 -14.17 33.85
CA LEU A 300 30.91 -13.44 34.61
C LEU A 300 31.25 -13.29 36.08
N GLU A 301 31.96 -14.27 36.63
CA GLU A 301 32.41 -14.21 38.02
C GLU A 301 33.42 -13.08 38.22
N ALA A 302 34.26 -12.85 37.22
CA ALA A 302 35.23 -11.75 37.26
C ALA A 302 34.55 -10.40 37.33
N VAL A 303 33.46 -10.24 36.58
CA VAL A 303 32.70 -8.98 36.59
C VAL A 303 31.81 -8.89 37.83
N ASN A 304 31.18 -10.00 38.20
CA ASN A 304 30.30 -10.03 39.37
C ASN A 304 31.03 -9.77 40.69
N LYS A 305 32.29 -10.18 40.76
CA LYS A 305 33.10 -9.98 41.97
C LYS A 305 33.43 -8.51 42.22
N ASP A 306 33.68 -7.75 41.16
CA ASP A 306 33.89 -6.30 41.29
C ASP A 306 32.61 -5.64 41.75
N LYS A 307 31.55 -5.79 40.97
CA LYS A 307 30.21 -5.31 41.34
C LYS A 307 29.16 -6.28 40.82
N PRO A 308 28.14 -6.59 41.64
CA PRO A 308 27.20 -7.66 41.30
C PRO A 308 26.30 -7.30 40.12
N LEU A 309 26.12 -8.27 39.22
CA LEU A 309 25.16 -8.15 38.12
C LEU A 309 23.77 -8.60 38.58
N GLY A 310 23.70 -9.29 39.72
CA GLY A 310 22.46 -9.81 40.24
C GLY A 310 22.13 -11.11 39.52
N ALA A 311 21.04 -11.10 38.76
CA ALA A 311 20.66 -12.24 37.93
C ALA A 311 21.41 -12.17 36.60
N VAL A 312 21.67 -13.31 35.99
CA VAL A 312 22.40 -13.35 34.72
C VAL A 312 21.68 -14.22 33.68
N ALA A 313 21.98 -13.95 32.41
CA ALA A 313 21.32 -14.63 31.30
C ALA A 313 21.81 -16.07 31.13
N LEU A 314 23.11 -16.29 31.36
CA LEU A 314 23.70 -17.63 31.22
C LEU A 314 23.17 -18.57 32.30
N LYS A 315 22.60 -19.70 31.87
CA LYS A 315 21.98 -20.67 32.78
C LYS A 315 22.96 -21.30 33.76
N SER A 316 24.18 -21.58 33.31
CA SER A 316 25.16 -22.29 34.13
C SER A 316 25.57 -21.51 35.39
N TYR A 317 25.95 -20.25 35.20
CA TYR A 317 26.38 -19.40 36.31
C TYR A 317 25.20 -18.92 37.15
N GLU A 318 24.05 -18.66 36.50
CA GLU A 318 22.84 -18.25 37.21
C GLU A 318 22.41 -19.28 38.25
N GLU A 319 22.50 -20.56 37.89
CA GLU A 319 22.17 -21.66 38.81
C GLU A 319 23.06 -21.64 40.06
N GLU A 320 24.32 -21.26 39.88
CA GLU A 320 25.25 -21.11 40.99
C GLU A 320 24.90 -19.89 41.84
N LEU A 321 24.60 -18.76 41.19
CA LEU A 321 24.25 -17.53 41.89
C LEU A 321 22.87 -17.60 42.55
N ALA A 322 21.99 -18.46 42.04
CA ALA A 322 20.64 -18.61 42.59
C ALA A 322 20.62 -19.24 43.98
N LYS A 323 21.73 -19.86 44.38
CA LYS A 323 21.88 -20.38 45.75
C LYS A 323 21.59 -19.28 46.78
N ASP A 324 22.03 -18.07 46.47
CA ASP A 324 21.58 -16.87 47.18
C ASP A 324 20.11 -16.64 46.81
N PRO A 325 19.18 -16.77 47.78
CA PRO A 325 17.75 -16.71 47.46
C PRO A 325 17.28 -15.34 46.93
N ARG A 326 18.05 -14.30 47.18
CA ARG A 326 17.73 -12.96 46.71
C ARG A 326 17.80 -12.87 45.18
N ILE A 327 18.88 -13.41 44.61
CA ILE A 327 19.07 -13.41 43.17
C ILE A 327 18.04 -14.30 42.49
N ALA A 328 17.75 -15.46 43.10
CA ALA A 328 16.74 -16.37 42.58
C ALA A 328 15.35 -15.73 42.55
N ALA A 329 15.05 -14.92 43.56
CA ALA A 329 13.78 -14.19 43.61
C ALA A 329 13.66 -13.14 42.51
N THR A 330 14.78 -12.48 42.19
CA THR A 330 14.83 -11.52 41.10
C THR A 330 14.59 -12.19 39.75
N MET A 331 15.18 -13.37 39.57
CA MET A 331 15.03 -14.13 38.34
C MET A 331 13.59 -14.63 38.16
N GLU A 332 12.98 -15.09 39.24
CA GLU A 332 11.59 -15.57 39.19
C GLU A 332 10.62 -14.44 38.85
N ASN A 333 10.86 -13.25 39.39
CA ASN A 333 10.05 -12.07 39.06
C ASN A 333 10.31 -11.58 37.64
N ALA A 334 11.53 -11.78 37.15
CA ALA A 334 11.89 -11.40 35.79
C ALA A 334 11.25 -12.32 34.74
N GLN A 335 11.32 -13.64 34.99
CA GLN A 335 10.71 -14.62 34.08
C GLN A 335 9.21 -14.40 33.93
N LYS A 336 8.54 -14.18 35.05
CA LYS A 336 7.10 -13.90 35.05
C LYS A 336 6.78 -12.48 34.58
N GLY A 337 7.70 -11.56 34.84
CA GLY A 337 7.49 -10.14 34.55
C GLY A 337 7.37 -9.76 33.09
N GLU A 338 6.93 -8.52 32.85
CA GLU A 338 6.78 -7.97 31.52
C GLU A 338 8.09 -7.30 31.09
N ILE A 339 8.61 -7.69 29.93
CA ILE A 339 9.82 -7.07 29.39
C ILE A 339 9.48 -5.66 28.90
N MET A 340 10.33 -4.70 29.24
CA MET A 340 10.05 -3.30 28.94
C MET A 340 10.23 -2.99 27.44
N PRO A 341 9.23 -2.31 26.84
CA PRO A 341 9.33 -1.91 25.44
C PRO A 341 10.57 -1.08 25.10
N ASN A 342 11.23 -1.43 24.01
CA ASN A 342 12.42 -0.71 23.53
C ASN A 342 12.09 0.40 22.53
N ILE A 343 10.82 0.51 22.16
CA ILE A 343 10.35 1.59 21.29
C ILE A 343 10.31 2.95 22.01
N PRO A 344 10.50 4.05 21.26
CA PRO A 344 10.57 5.39 21.87
C PRO A 344 9.21 5.96 22.26
N GLN A 345 8.12 5.32 21.83
CA GLN A 345 6.78 5.72 22.23
C GLN A 345 6.46 5.30 23.67
N MET A 346 7.36 4.54 24.29
CA MET A 346 7.25 4.18 25.71
C MET A 346 7.38 5.41 26.62
N SER A 347 8.08 6.44 26.16
CA SER A 347 8.23 7.68 26.94
C SER A 347 6.89 8.25 27.40
N ALA A 348 5.87 8.14 26.55
CA ALA A 348 4.52 8.63 26.87
C ALA A 348 3.83 7.82 27.97
N PHE A 349 4.20 6.55 28.10
CA PHE A 349 3.61 5.66 29.10
C PHE A 349 3.80 6.16 30.53
N TRP A 350 4.95 6.78 30.81
CA TRP A 350 5.32 7.12 32.20
C TRP A 350 4.47 8.23 32.81
N TYR A 351 4.33 9.35 32.09
CA TYR A 351 3.49 10.46 32.56
C TYR A 351 2.02 10.03 32.60
N ALA A 352 1.63 9.18 31.66
CA ALA A 352 0.23 8.78 31.49
C ALA A 352 -0.28 8.00 32.69
N VAL A 353 0.48 7.00 33.11
CA VAL A 353 0.09 6.17 34.24
C VAL A 353 0.33 6.92 35.55
N ARG A 354 1.41 7.68 35.63
CA ARG A 354 1.69 8.51 36.82
C ARG A 354 0.59 9.54 37.06
N THR A 355 0.00 10.06 35.98
CA THR A 355 -1.12 11.00 36.09
C THR A 355 -2.40 10.27 36.51
N ALA A 356 -2.65 9.12 35.90
CA ALA A 356 -3.86 8.34 36.17
C ALA A 356 -3.87 7.73 37.57
N VAL A 357 -2.70 7.28 38.03
CA VAL A 357 -2.55 6.65 39.35
C VAL A 357 -2.77 7.67 40.47
N ILE A 358 -2.13 8.83 40.36
CA ILE A 358 -2.21 9.86 41.40
C ILE A 358 -3.63 10.43 41.49
N ASN A 359 -4.27 10.64 40.34
CA ASN A 359 -5.66 11.12 40.30
C ASN A 359 -6.66 10.08 40.84
N ALA A 360 -6.40 8.81 40.55
CA ALA A 360 -7.21 7.71 41.07
C ALA A 360 -6.99 7.48 42.57
N ALA A 361 -5.77 7.71 43.03
CA ALA A 361 -5.40 7.54 44.43
C ALA A 361 -5.99 8.63 45.33
N SER A 362 -5.88 9.87 44.88
CA SER A 362 -6.39 11.02 45.64
C SER A 362 -7.92 11.10 45.65
N GLY A 363 -8.56 10.45 44.69
CA GLY A 363 -10.01 10.51 44.56
C GLY A 363 -10.47 11.72 43.77
N ARG A 364 -9.53 12.36 43.08
CA ARG A 364 -9.86 13.47 42.18
C ARG A 364 -10.58 12.94 40.93
N GLN A 365 -10.22 11.73 40.53
CA GLN A 365 -10.81 11.08 39.37
C GLN A 365 -11.09 9.62 39.72
N THR A 366 -12.05 9.01 39.03
CA THR A 366 -12.39 7.61 39.26
C THR A 366 -11.39 6.70 38.54
N VAL A 367 -11.50 5.39 38.80
CA VAL A 367 -10.59 4.41 38.21
C VAL A 367 -10.82 4.26 36.71
N ASP A 368 -12.09 4.19 36.32
CA ASP A 368 -12.46 3.98 34.93
C ASP A 368 -12.16 5.19 34.04
N GLU A 369 -12.33 6.39 34.58
CA GLU A 369 -12.05 7.63 33.86
C GLU A 369 -10.55 7.87 33.68
N ALA A 370 -9.77 7.64 34.73
CA ALA A 370 -8.33 7.86 34.70
C ALA A 370 -7.63 6.98 33.67
N LEU A 371 -8.01 5.71 33.62
CA LEU A 371 -7.43 4.75 32.68
C LEU A 371 -7.88 5.02 31.24
N LYS A 372 -9.09 5.53 31.07
CA LYS A 372 -9.59 5.91 29.75
C LYS A 372 -8.83 7.12 29.20
N ASP A 373 -8.47 8.05 30.08
CA ASP A 373 -7.65 9.21 29.70
C ASP A 373 -6.22 8.82 29.37
N ALA A 374 -5.68 7.83 30.09
CA ALA A 374 -4.36 7.28 29.78
C ALA A 374 -4.35 6.58 28.43
N GLN A 375 -5.45 5.91 28.10
CA GLN A 375 -5.61 5.27 26.80
C GLN A 375 -5.64 6.29 25.66
N THR A 376 -6.19 7.48 25.92
CA THR A 376 -6.27 8.53 24.91
C THR A 376 -4.94 9.28 24.76
N ASN A 377 -4.38 9.72 25.88
CA ASN A 377 -3.21 10.61 25.82
C ASN A 377 -1.91 9.93 25.41
N ALA A 378 -1.78 8.63 25.69
CA ALA A 378 -0.52 7.92 25.49
C ALA A 378 -0.73 6.54 24.87
N ALA A 379 -1.45 6.51 23.75
CA ALA A 379 -1.66 5.29 22.98
C ALA A 379 -1.52 5.55 21.49
N ALA A 380 -0.34 6.03 21.10
CA ALA A 380 0.01 6.22 19.69
C ALA A 380 -0.92 7.20 18.99
N MET A 382 -2.80 8.24 16.83
CA MET A 382 -3.40 8.18 15.50
C MET A 382 -2.49 8.86 14.49
N ASP A 383 -2.25 8.18 13.37
CA ASP A 383 -1.48 8.74 12.26
C ASP A 383 -2.32 9.75 11.49
N SER A 384 -1.67 10.68 10.81
CA SER A 384 -2.34 11.66 9.97
C SER A 384 -2.34 11.20 8.50
N ASP A 385 -3.39 11.57 7.78
CA ASP A 385 -3.63 11.09 6.40
C ASP A 385 -2.80 11.89 5.40
N PRO A 386 -2.05 11.22 4.50
CA PRO A 386 -1.14 11.91 3.57
C PRO A 386 -1.81 12.58 2.39
N ARG A 387 -3.03 12.17 2.05
CA ARG A 387 -3.75 12.66 0.88
C ARG A 387 -4.85 13.68 1.22
N ARG A 388 -4.98 14.03 2.50
CA ARG A 388 -5.93 15.06 2.95
C ARG A 388 -5.60 16.44 2.36
N CYS A 389 -6.58 17.35 2.39
CA CYS A 389 -6.34 18.74 2.01
C CYS A 389 -5.53 19.43 3.10
N MET A 390 -4.21 19.54 2.90
CA MET A 390 -3.36 20.16 3.90
C MET A 390 -2.47 21.25 3.31
N ARG A 391 -1.78 21.95 4.20
CA ARG A 391 -0.92 23.06 3.87
C ARG A 391 0.51 22.57 3.57
N HIS A 392 0.86 22.51 2.29
CA HIS A 392 2.18 22.07 1.85
C HIS A 392 3.16 23.25 1.76
N HIS A 393 4.42 23.01 2.14
CA HIS A 393 5.46 24.04 2.15
C HIS A 393 6.56 23.76 1.14
N TYR A 394 7.20 24.84 0.66
CA TYR A 394 8.30 24.73 -0.29
C TYR A 394 9.08 26.04 -0.40
N VAL A 395 10.21 25.99 -1.11
CA VAL A 395 11.06 27.16 -1.33
C VAL A 395 11.17 27.47 -2.82
N ASP A 396 11.13 28.76 -3.16
CA ASP A 396 11.20 29.20 -4.55
C ASP A 396 11.86 30.57 -4.64
N SER A 397 12.67 30.77 -5.68
CA SER A 397 13.37 32.05 -5.90
C SER A 397 12.48 33.02 -6.68
N ILE A 398 12.11 34.12 -6.04
CA ILE A 398 11.22 35.10 -6.64
C ILE A 398 11.99 36.02 -7.58
N SER A 399 11.49 36.17 -8.80
CA SER A 399 12.05 37.09 -9.78
C SER A 399 10.99 37.50 -10.80
N HIS A 400 11.01 38.77 -11.20
CA HIS A 400 10.11 39.27 -12.24
C HIS A 400 10.56 38.74 -13.61
N PRO A 401 9.61 38.29 -14.45
CA PRO A 401 9.94 37.63 -15.73
C PRO A 401 10.61 38.53 -16.77
N LEU A 402 10.06 39.72 -17.01
CA LEU A 402 10.65 40.68 -17.93
C LEU A 402 11.38 41.81 -17.17
N TYR A 403 12.45 41.44 -16.47
CA TYR A 403 13.35 42.40 -15.82
C TYR A 403 14.65 41.69 -15.41
N LYS A 404 15.73 41.98 -16.12
CA LYS A 404 17.02 41.33 -15.88
C LYS A 404 17.68 41.94 -14.64
N CYS A 405 17.66 41.21 -13.53
CA CYS A 405 18.27 41.65 -12.27
C CYS A 405 18.32 40.49 -11.26
N SER A 406 18.46 40.82 -9.98
CA SER A 406 18.67 39.81 -8.94
C SER A 406 17.38 39.12 -8.47
N SER A 407 17.55 38.11 -7.63
CA SER A 407 16.44 37.37 -7.04
C SER A 407 16.81 36.83 -5.65
N LYS A 408 15.80 36.46 -4.88
CA LYS A 408 16.01 36.01 -3.49
C LYS A 408 15.22 34.74 -3.18
N MET A 409 15.79 33.91 -2.31
CA MET A 409 15.15 32.66 -1.89
C MET A 409 14.10 32.94 -0.82
N VAL A 410 12.87 32.48 -1.05
CA VAL A 410 11.77 32.76 -0.12
C VAL A 410 10.93 31.51 0.15
N LEU A 411 10.40 31.42 1.37
CA LEU A 411 9.51 30.32 1.74
C LEU A 411 8.08 30.59 1.27
N LEU A 412 7.43 29.55 0.78
CA LEU A 412 6.06 29.64 0.29
C LEU A 412 5.23 28.51 0.88
N ALA A 413 3.91 28.63 0.74
CA ALA A 413 2.98 27.63 1.22
C ALA A 413 1.80 27.54 0.28
N ARG A 414 1.47 26.32 -0.15
CA ARG A 414 0.37 26.07 -1.08
C ARG A 414 -0.58 25.00 -0.52
N CYS A 415 -1.83 25.05 -0.97
CA CYS A 415 -2.82 24.03 -0.61
C CYS A 415 -2.82 22.92 -1.64
N GLU A 416 -3.05 21.69 -1.19
CA GLU A 416 -3.13 20.54 -2.08
C GLU A 416 -3.68 19.33 -1.32
N GLY A 417 -4.44 18.50 -2.03
CA GLY A 417 -5.01 17.30 -1.43
C GLY A 417 -6.39 16.95 -1.98
N HIS A 418 -6.83 15.73 -1.68
CA HIS A 418 -8.09 15.22 -2.19
C HIS A 418 -9.17 15.43 -1.13
N CYS A 419 -10.17 16.24 -1.43
CA CYS A 419 -11.26 16.49 -0.49
C CYS A 419 -12.13 15.24 -0.33
N SER A 420 -12.49 14.92 0.91
CA SER A 420 -13.23 13.70 1.20
C SER A 420 -14.72 13.77 0.83
N GLN A 421 -15.21 14.96 0.50
CA GLN A 421 -16.59 15.12 0.08
C GLN A 421 -16.73 14.77 -1.39
N ALA A 422 -17.82 14.08 -1.74
CA ALA A 422 -18.07 13.69 -3.12
C ALA A 422 -18.69 14.86 -3.88
N SER A 423 -18.08 15.21 -5.02
CA SER A 423 -18.66 16.22 -5.90
C SER A 423 -19.81 15.61 -6.71
N ARG A 424 -20.84 16.41 -6.96
CA ARG A 424 -22.01 15.95 -7.71
C ARG A 424 -22.68 17.11 -8.44
N SER A 425 -23.66 16.80 -9.29
CA SER A 425 -24.38 17.81 -10.06
C SER A 425 -25.70 17.25 -10.57
N GLU A 426 -26.77 17.45 -9.81
CA GLU A 426 -28.08 16.92 -10.17
C GLU A 426 -28.93 18.00 -10.86
N PRO A 427 -29.71 17.58 -11.88
CA PRO A 427 -30.42 18.52 -12.75
C PRO A 427 -31.64 19.15 -12.10
N LEU A 428 -31.82 20.45 -12.34
CA LEU A 428 -32.95 21.21 -11.79
C LEU A 428 -34.11 21.29 -12.78
N VAL A 429 -35.34 21.31 -12.24
CA VAL A 429 -36.55 21.37 -13.05
C VAL A 429 -37.05 22.82 -13.15
N SER A 430 -37.18 23.32 -14.37
CA SER A 430 -37.61 24.69 -14.62
C SER A 430 -39.00 24.74 -15.25
N PHE A 431 -39.95 25.36 -14.54
CA PHE A 431 -41.30 25.59 -15.07
C PHE A 431 -41.32 26.97 -15.71
N SER A 432 -42.46 27.34 -16.31
CA SER A 432 -42.66 28.70 -16.83
C SER A 432 -42.68 29.71 -15.68
N THR A 433 -42.13 30.90 -15.93
CA THR A 433 -41.93 31.94 -14.91
C THR A 433 -41.00 31.53 -13.74
N VAL A 434 -40.33 30.39 -13.86
CA VAL A 434 -39.42 29.90 -12.82
C VAL A 434 -38.18 29.26 -13.47
N LEU A 435 -37.63 29.93 -14.48
CA LEU A 435 -36.43 29.42 -15.16
C LEU A 435 -35.22 29.47 -14.22
N LYS A 436 -34.92 28.33 -13.61
CA LYS A 436 -33.76 28.19 -12.73
C LYS A 436 -32.55 27.69 -13.52
N GLN A 437 -31.46 27.44 -12.80
CA GLN A 437 -30.26 26.87 -13.39
C GLN A 437 -30.57 25.51 -14.01
N PRO A 438 -29.74 25.08 -14.98
CA PRO A 438 -29.90 23.74 -15.51
C PRO A 438 -29.45 22.65 -14.54
N PHE A 439 -28.47 22.96 -13.67
CA PHE A 439 -27.94 21.99 -12.72
C PHE A 439 -27.64 22.62 -11.36
N ARG A 440 -27.87 21.83 -10.30
CA ARG A 440 -27.56 22.23 -8.93
C ARG A 440 -26.39 21.38 -8.44
N SER A 441 -25.18 21.92 -8.55
CA SER A 441 -23.97 21.15 -8.26
C SER A 441 -23.41 21.39 -6.87
N SER A 442 -22.65 20.41 -6.38
CA SER A 442 -21.85 20.55 -5.18
C SER A 442 -20.45 20.02 -5.50
N CYS A 443 -19.43 20.74 -5.04
CA CYS A 443 -18.04 20.37 -5.33
C CYS A 443 -17.10 21.08 -4.37
N HIS A 444 -16.28 20.31 -3.66
CA HIS A 444 -15.35 20.85 -2.67
C HIS A 444 -13.92 20.89 -3.19
N CYS A 445 -13.30 22.07 -3.09
CA CYS A 445 -11.93 22.28 -3.55
C CYS A 445 -11.02 22.62 -2.37
N CYS A 446 -9.80 22.07 -2.39
CA CYS A 446 -8.80 22.40 -1.38
C CYS A 446 -8.28 23.81 -1.66
N ARG A 447 -8.54 24.72 -0.73
CA ARG A 447 -8.24 26.15 -0.92
C ARG A 447 -7.84 26.80 0.42
N PRO A 448 -7.28 28.03 0.37
CA PRO A 448 -6.86 28.69 1.60
C PRO A 448 -8.04 29.18 2.42
N GLN A 449 -8.03 28.88 3.72
CA GLN A 449 -9.03 29.36 4.67
C GLN A 449 -8.58 30.71 5.21
N THR A 450 -7.33 30.76 5.66
CA THR A 450 -6.73 31.98 6.19
C THR A 450 -5.36 32.22 5.54
N SER A 451 -5.11 33.47 5.18
CA SER A 451 -3.83 33.85 4.60
C SER A 451 -3.47 35.27 5.03
N LYS A 452 -2.21 35.64 4.82
CA LYS A 452 -1.75 37.00 5.10
C LYS A 452 -0.88 37.51 3.96
N LEU A 453 -0.80 38.82 3.84
CA LEU A 453 -0.07 39.46 2.76
C LEU A 453 1.43 39.32 2.98
N LYS A 454 2.18 39.39 1.88
CA LYS A 454 3.63 39.42 1.94
C LYS A 454 4.11 40.42 0.89
N ALA A 455 5.38 40.80 0.99
CA ALA A 455 5.98 41.72 0.03
C ALA A 455 7.48 41.52 0.02
N LEU A 456 8.13 42.04 -1.01
CA LEU A 456 9.58 41.91 -1.14
C LEU A 456 10.15 42.95 -2.10
N ARG A 457 10.86 43.93 -1.53
CA ARG A 457 11.67 44.86 -2.31
C ARG A 457 12.78 44.08 -3.04
N LEU A 458 13.00 44.39 -4.32
CA LEU A 458 13.98 43.67 -5.12
C LEU A 458 15.07 44.61 -5.60
N ARG A 459 16.28 44.46 -5.07
CA ARG A 459 17.39 45.35 -5.40
C ARG A 459 17.91 45.08 -6.81
N CYS A 460 17.25 45.67 -7.79
CA CYS A 460 17.61 45.49 -9.19
C CYS A 460 18.43 46.67 -9.69
N SER A 461 19.71 46.39 -9.95
CA SER A 461 20.70 47.40 -10.33
C SER A 461 20.44 47.86 -11.76
N GLY A 462 20.61 49.15 -12.04
CA GLY A 462 20.32 49.72 -13.34
C GLY A 462 18.83 49.86 -13.53
N GLY A 463 18.18 50.50 -12.57
CA GLY A 463 16.73 50.65 -12.57
C GLY A 463 16.22 51.15 -11.23
N MET A 464 15.19 50.51 -10.71
CA MET A 464 14.55 50.90 -9.45
C MET A 464 14.26 49.66 -8.61
N ARG A 465 14.11 49.87 -7.29
CA ARG A 465 13.86 48.76 -6.36
C ARG A 465 12.36 48.54 -6.18
N LEU A 466 11.75 47.74 -7.07
CA LEU A 466 10.30 47.53 -7.03
C LEU A 466 9.94 46.32 -6.15
N THR A 467 8.72 46.36 -5.62
CA THR A 467 8.23 45.37 -4.67
C THR A 467 7.40 44.27 -5.35
N ALA A 468 7.50 43.05 -4.83
CA ALA A 468 6.76 41.89 -5.34
C ALA A 468 5.88 41.31 -4.23
N THR A 469 4.57 41.29 -4.45
CA THR A 469 3.61 40.82 -3.44
C THR A 469 3.03 39.45 -3.76
N TYR A 470 2.73 38.69 -2.72
CA TYR A 470 2.06 37.40 -2.81
C TYR A 470 1.44 37.06 -1.46
N ARG A 471 0.39 36.26 -1.44
CA ARG A 471 -0.26 35.88 -0.19
C ARG A 471 0.31 34.59 0.38
N TYR A 472 0.77 34.64 1.63
CA TYR A 472 1.28 33.46 2.33
C TYR A 472 0.11 32.75 3.00
N ILE A 473 -0.02 31.44 2.72
CA ILE A 473 -1.16 30.68 3.23
C ILE A 473 -0.91 30.24 4.67
N LEU A 474 -1.88 30.50 5.55
CA LEU A 474 -1.79 30.13 6.96
C LEU A 474 -2.52 28.83 7.25
N SER A 475 -3.62 28.57 6.54
CA SER A 475 -4.37 27.32 6.67
C SER A 475 -5.23 27.05 5.45
N CYS A 476 -5.41 25.77 5.14
CA CYS A 476 -6.27 25.33 4.04
C CYS A 476 -7.52 24.62 4.57
N HIS A 477 -8.55 24.56 3.75
CA HIS A 477 -9.75 23.78 4.05
C HIS A 477 -10.56 23.54 2.78
N CYS A 478 -11.33 22.46 2.77
CA CYS A 478 -12.18 22.15 1.62
C CYS A 478 -13.42 23.04 1.64
N GLU A 479 -13.57 23.85 0.61
CA GLU A 479 -14.71 24.77 0.47
C GLU A 479 -15.38 24.57 -0.88
N GLU A 480 -16.58 25.13 -1.01
CA GLU A 480 -17.40 24.96 -2.21
C GLU A 480 -16.75 25.59 -3.43
N CYS A 481 -17.05 25.03 -4.61
CA CYS A 481 -16.51 25.53 -5.87
C CYS A 481 -17.02 26.94 -6.15
N ASN A 482 -18.34 27.13 -6.01
CA ASN A 482 -18.97 28.43 -6.24
C ASN A 482 -18.97 29.29 -4.98
N SER A 483 -17.81 29.79 -4.60
CA SER A 483 -17.66 30.65 -3.42
C SER A 483 -16.34 31.40 -3.46
N LYS B 11 -17.70 -31.88 -5.41
CA LYS B 11 -17.28 -33.16 -6.08
C LYS B 11 -16.06 -32.93 -6.96
N ILE B 12 -14.87 -33.02 -6.35
CA ILE B 12 -13.60 -32.98 -7.06
C ILE B 12 -12.97 -34.37 -7.05
N GLU B 13 -12.20 -34.68 -8.08
CA GLU B 13 -11.48 -35.95 -8.15
C GLU B 13 -10.29 -35.92 -7.20
N GLU B 14 -10.20 -36.92 -6.32
CA GLU B 14 -9.08 -37.03 -5.37
C GLU B 14 -8.33 -38.34 -5.58
N GLY B 15 -7.01 -38.26 -5.58
CA GLY B 15 -6.15 -39.42 -5.86
C GLY B 15 -6.07 -39.79 -7.33
N LYS B 16 -6.46 -38.86 -8.21
CA LYS B 16 -6.38 -39.06 -9.66
C LYS B 16 -6.49 -37.71 -10.38
N LEU B 17 -6.02 -37.66 -11.63
CA LEU B 17 -5.96 -36.42 -12.39
C LEU B 17 -6.98 -36.39 -13.53
N VAL B 18 -7.44 -35.18 -13.84
CA VAL B 18 -8.34 -34.94 -14.97
C VAL B 18 -8.02 -33.57 -15.55
N ILE B 19 -7.67 -33.54 -16.83
CA ILE B 19 -7.16 -32.32 -17.47
C ILE B 19 -8.09 -31.83 -18.58
N TRP B 20 -8.27 -30.51 -18.66
CA TRP B 20 -9.09 -29.88 -19.70
C TRP B 20 -8.19 -29.10 -20.65
N ILE B 21 -8.40 -29.29 -21.95
CA ILE B 21 -7.64 -28.59 -22.99
C ILE B 21 -8.51 -28.48 -24.25
N ASN B 22 -8.34 -27.40 -25.02
CA ASN B 22 -9.22 -27.13 -26.15
C ASN B 22 -9.06 -28.15 -27.28
N GLY B 23 -10.14 -28.35 -28.05
CA GLY B 23 -10.17 -29.36 -29.11
C GLY B 23 -9.19 -29.15 -30.25
N ASP B 24 -8.90 -27.89 -30.57
CA ASP B 24 -7.94 -27.55 -31.63
C ASP B 24 -6.48 -27.83 -31.22
N LYS B 25 -6.24 -27.99 -29.91
CA LYS B 25 -4.91 -28.36 -29.40
C LYS B 25 -4.67 -29.85 -29.61
N GLY B 26 -3.44 -30.30 -29.39
CA GLY B 26 -3.08 -31.71 -29.52
C GLY B 26 -3.52 -32.53 -28.32
N TYR B 27 -4.82 -32.78 -28.21
CA TYR B 27 -5.40 -33.46 -27.04
C TYR B 27 -5.08 -34.95 -26.95
N ASN B 28 -4.93 -35.61 -28.09
CA ASN B 28 -4.49 -37.02 -28.11
C ASN B 28 -3.03 -37.13 -27.71
N GLY B 29 -2.23 -36.15 -28.13
CA GLY B 29 -0.81 -36.11 -27.79
C GLY B 29 -0.54 -35.87 -26.31
N LEU B 30 -1.40 -35.10 -25.66
CA LEU B 30 -1.29 -34.85 -24.22
C LEU B 30 -1.70 -36.10 -23.42
N ALA B 31 -2.63 -36.88 -23.96
CA ALA B 31 -3.06 -38.13 -23.34
C ALA B 31 -1.96 -39.19 -23.37
N GLU B 32 -1.05 -39.08 -24.35
CA GLU B 32 0.13 -39.94 -24.40
C GLU B 32 1.00 -39.72 -23.18
N VAL B 33 1.19 -38.45 -22.80
CA VAL B 33 1.95 -38.09 -21.62
C VAL B 33 1.15 -38.45 -20.35
N GLY B 34 -0.17 -38.32 -20.42
CA GLY B 34 -1.06 -38.75 -19.35
C GLY B 34 -0.99 -40.25 -19.07
N LYS B 35 -0.75 -41.03 -20.12
CA LYS B 35 -0.56 -42.48 -19.97
C LYS B 35 0.81 -42.79 -19.36
N LYS B 36 1.81 -41.98 -19.70
CA LYS B 36 3.17 -42.10 -19.15
C LYS B 36 3.20 -41.84 -17.63
N PHE B 37 2.36 -40.91 -17.18
CA PHE B 37 2.24 -40.62 -15.75
C PHE B 37 1.55 -41.76 -15.00
N GLU B 38 0.55 -42.36 -15.65
CA GLU B 38 -0.13 -43.54 -15.12
C GLU B 38 0.80 -44.76 -15.16
N LYS B 39 1.66 -44.83 -16.17
CA LYS B 39 2.59 -45.92 -16.37
C LYS B 39 3.77 -45.88 -15.38
N ASP B 40 4.02 -44.72 -14.77
CA ASP B 40 5.06 -44.59 -13.74
C ASP B 40 4.45 -44.58 -12.35
N THR B 41 3.63 -43.57 -12.10
CA THR B 41 3.14 -43.24 -10.76
C THR B 41 2.04 -44.17 -10.27
N GLY B 42 1.20 -44.64 -11.19
CA GLY B 42 -0.01 -45.36 -10.83
C GLY B 42 -1.13 -44.39 -10.51
N ILE B 43 -1.11 -43.24 -11.18
CA ILE B 43 -2.16 -42.22 -11.09
C ILE B 43 -2.73 -42.02 -12.48
N LYS B 44 -3.96 -42.50 -12.70
CA LYS B 44 -4.63 -42.37 -13.99
C LYS B 44 -4.97 -40.92 -14.31
N VAL B 45 -4.73 -40.53 -15.56
CA VAL B 45 -4.95 -39.15 -16.01
C VAL B 45 -5.90 -39.16 -17.19
N THR B 46 -7.02 -38.44 -17.05
CA THR B 46 -8.05 -38.36 -18.10
C THR B 46 -8.04 -36.99 -18.75
N VAL B 47 -7.46 -36.89 -19.95
CA VAL B 47 -7.47 -35.66 -20.72
C VAL B 47 -8.76 -35.59 -21.52
N GLU B 48 -9.41 -34.44 -21.53
CA GLU B 48 -10.69 -34.27 -22.22
C GLU B 48 -10.87 -32.85 -22.73
N HIS B 49 -11.66 -32.71 -23.80
CA HIS B 49 -11.83 -31.45 -24.50
C HIS B 49 -13.30 -31.07 -24.68
N PRO B 50 -13.90 -30.48 -23.62
CA PRO B 50 -15.28 -30.03 -23.74
C PRO B 50 -15.41 -28.75 -24.57
N ASP B 51 -16.63 -28.46 -25.01
CA ASP B 51 -16.91 -27.30 -25.85
C ASP B 51 -17.03 -26.07 -24.96
N LYS B 52 -16.38 -24.98 -25.36
CA LYS B 52 -16.35 -23.74 -24.59
C LYS B 52 -15.91 -24.00 -23.15
N LEU B 53 -14.73 -24.58 -23.00
CA LEU B 53 -14.19 -24.92 -21.69
C LEU B 53 -13.81 -23.67 -20.88
N GLU B 54 -13.39 -22.62 -21.58
CA GLU B 54 -13.06 -21.34 -20.94
C GLU B 54 -14.32 -20.66 -20.38
N GLU B 55 -15.47 -20.93 -20.96
CA GLU B 55 -16.76 -20.53 -20.37
C GLU B 55 -17.11 -21.43 -19.20
N LYS B 56 -16.92 -22.75 -19.38
CA LYS B 56 -17.25 -23.72 -18.34
C LYS B 56 -16.40 -23.59 -17.07
N PHE B 57 -15.11 -23.31 -17.24
CA PHE B 57 -14.15 -23.39 -16.13
C PHE B 57 -14.47 -22.48 -14.93
N PRO B 58 -14.81 -21.20 -15.17
CA PRO B 58 -15.24 -20.35 -14.05
C PRO B 58 -16.41 -20.90 -13.23
N GLN B 59 -17.43 -21.40 -13.92
CA GLN B 59 -18.65 -21.89 -13.26
C GLN B 59 -18.39 -23.15 -12.42
N VAL B 60 -17.72 -24.13 -13.02
CA VAL B 60 -17.44 -25.40 -12.35
C VAL B 60 -16.44 -25.25 -11.19
N ALA B 61 -15.43 -24.41 -11.39
CA ALA B 61 -14.41 -24.18 -10.37
C ALA B 61 -14.95 -23.39 -9.17
N ALA B 62 -15.87 -22.47 -9.44
CA ALA B 62 -16.48 -21.62 -8.40
C ALA B 62 -17.22 -22.45 -7.34
N THR B 63 -17.92 -23.48 -7.78
CA THR B 63 -18.65 -24.37 -6.87
C THR B 63 -17.73 -25.35 -6.14
N GLY B 64 -16.60 -25.69 -6.76
CA GLY B 64 -15.64 -26.63 -6.18
C GLY B 64 -15.30 -27.79 -7.11
N ASP B 65 -16.15 -28.03 -8.09
CA ASP B 65 -15.90 -29.07 -9.09
C ASP B 65 -14.88 -28.59 -10.12
N GLY B 66 -14.73 -29.35 -11.21
CA GLY B 66 -13.88 -28.94 -12.33
C GLY B 66 -12.63 -29.80 -12.44
N PRO B 67 -11.74 -29.46 -13.39
CA PRO B 67 -10.53 -30.24 -13.60
C PRO B 67 -9.46 -29.93 -12.58
N ASP B 68 -8.36 -30.68 -12.63
CA ASP B 68 -7.21 -30.40 -11.77
C ASP B 68 -6.30 -29.41 -12.48
N ILE B 69 -5.94 -29.72 -13.73
CA ILE B 69 -5.14 -28.83 -14.57
C ILE B 69 -6.04 -28.22 -15.66
N ILE B 70 -5.72 -27.01 -16.09
CA ILE B 70 -6.49 -26.32 -17.13
C ILE B 70 -5.54 -25.68 -18.14
N PHE B 71 -5.84 -25.85 -19.44
CA PHE B 71 -5.01 -25.34 -20.52
C PHE B 71 -5.73 -24.24 -21.32
N TRP B 72 -5.18 -23.04 -21.32
CA TRP B 72 -5.69 -21.94 -22.15
C TRP B 72 -4.64 -20.84 -22.32
N ALA B 73 -4.85 -19.96 -23.29
CA ALA B 73 -4.02 -18.77 -23.46
C ALA B 73 -3.96 -17.96 -22.15
N HIS B 74 -2.83 -17.27 -21.94
CA HIS B 74 -2.55 -16.62 -20.66
C HIS B 74 -3.43 -15.41 -20.36
N ASP B 75 -3.95 -14.76 -21.40
CA ASP B 75 -4.78 -13.57 -21.23
C ASP B 75 -6.06 -13.83 -20.41
N ARG B 76 -6.59 -15.04 -20.52
CA ARG B 76 -7.83 -15.39 -19.81
C ARG B 76 -7.58 -15.79 -18.36
N PHE B 77 -6.36 -16.22 -18.05
CA PHE B 77 -5.99 -16.66 -16.69
C PHE B 77 -6.00 -15.54 -15.66
N GLY B 78 -5.80 -14.30 -16.11
CA GLY B 78 -5.90 -13.13 -15.24
C GLY B 78 -7.27 -12.97 -14.61
N GLY B 79 -8.31 -13.29 -15.36
CA GLY B 79 -9.69 -13.25 -14.87
C GLY B 79 -9.99 -14.36 -13.87
N TYR B 80 -9.46 -15.55 -14.12
CA TYR B 80 -9.64 -16.68 -13.20
C TYR B 80 -8.83 -16.47 -11.92
N ALA B 81 -7.63 -15.89 -12.07
CA ALA B 81 -6.76 -15.59 -10.94
C ALA B 81 -7.36 -14.56 -9.98
N GLN B 82 -8.10 -13.60 -10.54
CA GLN B 82 -8.76 -12.58 -9.74
C GLN B 82 -9.86 -13.18 -8.85
N SER B 83 -10.61 -14.14 -9.40
CA SER B 83 -11.62 -14.85 -8.64
C SER B 83 -11.01 -15.85 -7.63
N GLY B 84 -9.75 -16.22 -7.86
CA GLY B 84 -9.01 -17.10 -6.96
C GLY B 84 -9.24 -18.57 -7.27
N LEU B 85 -9.52 -18.87 -8.53
CA LEU B 85 -9.83 -20.24 -8.97
C LEU B 85 -8.56 -21.03 -9.26
N LEU B 86 -7.51 -20.33 -9.70
CA LEU B 86 -6.21 -20.95 -9.93
C LEU B 86 -5.38 -20.98 -8.66
N ALA B 87 -4.54 -22.00 -8.51
CA ALA B 87 -3.66 -22.13 -7.36
C ALA B 87 -2.28 -21.58 -7.68
N GLU B 88 -1.51 -21.24 -6.65
CA GLU B 88 -0.16 -20.72 -6.83
C GLU B 88 0.82 -21.86 -7.07
N ILE B 89 1.55 -21.80 -8.18
CA ILE B 89 2.61 -22.77 -8.48
C ILE B 89 3.91 -22.36 -7.77
N THR B 90 4.75 -23.33 -7.46
CA THR B 90 6.05 -23.08 -6.81
C THR B 90 7.17 -23.87 -7.48
N PRO B 91 7.64 -23.37 -8.65
CA PRO B 91 8.79 -23.94 -9.32
C PRO B 91 10.09 -23.33 -8.83
N ASP B 92 11.06 -24.19 -8.50
CA ASP B 92 12.35 -23.73 -8.00
C ASP B 92 13.14 -22.97 -9.07
N LYS B 93 14.20 -22.28 -8.63
CA LYS B 93 15.06 -21.51 -9.54
C LYS B 93 15.65 -22.38 -10.65
N ALA B 94 15.94 -23.64 -10.36
CA ALA B 94 16.47 -24.58 -11.34
C ALA B 94 15.49 -24.77 -12.50
N PHE B 95 14.23 -24.99 -12.17
CA PHE B 95 13.18 -25.20 -13.18
C PHE B 95 12.81 -23.91 -13.91
N GLN B 96 12.88 -22.78 -13.22
CA GLN B 96 12.59 -21.49 -13.84
C GLN B 96 13.61 -21.13 -14.93
N ASP B 97 14.83 -21.63 -14.81
CA ASP B 97 15.87 -21.44 -15.83
C ASP B 97 15.59 -22.22 -17.11
N LYS B 98 14.87 -23.34 -16.98
CA LYS B 98 14.56 -24.19 -18.14
C LYS B 98 13.76 -23.42 -19.19
N LEU B 99 12.79 -22.61 -18.74
CA LEU B 99 11.96 -21.81 -19.64
C LEU B 99 12.59 -20.45 -19.88
N TYR B 100 12.11 -19.74 -20.88
CA TYR B 100 12.57 -18.39 -21.17
C TYR B 100 12.06 -17.42 -20.09
N PRO B 101 12.81 -16.32 -19.83
CA PRO B 101 12.41 -15.38 -18.78
C PRO B 101 11.10 -14.65 -19.08
N PHE B 102 10.89 -14.27 -20.35
CA PHE B 102 9.72 -13.49 -20.73
C PHE B 102 8.40 -14.27 -20.62
N THR B 103 8.47 -15.60 -20.77
CA THR B 103 7.28 -16.44 -20.65
C THR B 103 6.75 -16.48 -19.21
N TRP B 104 7.64 -16.41 -18.23
CA TRP B 104 7.26 -16.35 -16.82
C TRP B 104 6.47 -15.09 -16.48
N ASP B 105 6.80 -13.99 -17.14
CA ASP B 105 6.12 -12.71 -16.94
C ASP B 105 4.65 -12.76 -17.40
N ALA B 106 4.37 -13.61 -18.40
CA ALA B 106 3.01 -13.77 -18.93
C ALA B 106 2.07 -14.54 -18.00
N VAL B 107 2.62 -15.26 -17.02
CA VAL B 107 1.84 -16.08 -16.09
C VAL B 107 2.05 -15.61 -14.66
N ARG B 108 1.74 -14.34 -14.41
CA ARG B 108 2.00 -13.69 -13.13
C ARG B 108 0.90 -12.69 -12.79
N TYR B 109 0.14 -12.99 -11.75
CA TYR B 109 -0.93 -12.10 -11.28
C TYR B 109 -0.63 -11.62 -9.86
N ASN B 110 -0.36 -10.31 -9.73
CA ASN B 110 -0.07 -9.68 -8.44
C ASN B 110 1.11 -10.32 -7.69
N GLY B 111 2.15 -10.65 -8.44
CA GLY B 111 3.37 -11.24 -7.87
C GLY B 111 3.38 -12.77 -7.87
N LYS B 112 2.23 -13.37 -7.61
CA LYS B 112 2.12 -14.82 -7.49
C LYS B 112 2.02 -15.47 -8.86
N LEU B 113 2.83 -16.50 -9.10
CA LEU B 113 2.76 -17.29 -10.34
C LEU B 113 1.57 -18.23 -10.27
N ILE B 114 0.76 -18.23 -11.34
CA ILE B 114 -0.52 -18.95 -11.34
C ILE B 114 -0.61 -20.13 -12.33
N ALA B 115 0.38 -20.26 -13.22
CA ALA B 115 0.36 -21.31 -14.25
C ALA B 115 1.71 -21.47 -14.93
N TYR B 116 1.93 -22.64 -15.53
CA TYR B 116 3.14 -22.93 -16.28
C TYR B 116 2.97 -22.56 -17.75
N PRO B 117 3.91 -21.80 -18.34
CA PRO B 117 3.87 -21.57 -19.77
C PRO B 117 4.16 -22.83 -20.58
N ILE B 118 3.62 -22.90 -21.79
CA ILE B 118 3.85 -24.04 -22.68
C ILE B 118 4.31 -23.55 -24.05
N ALA B 119 3.44 -22.81 -24.73
CA ALA B 119 3.68 -22.37 -26.10
C ALA B 119 3.62 -20.85 -26.26
N VAL B 120 3.99 -20.38 -27.45
CA VAL B 120 4.10 -18.95 -27.73
C VAL B 120 3.56 -18.61 -29.13
N GLU B 121 2.54 -17.76 -29.18
CA GLU B 121 1.97 -17.25 -30.44
C GLU B 121 2.29 -15.77 -30.62
N ALA B 122 2.72 -15.40 -31.82
CA ALA B 122 3.03 -13.99 -32.12
C ALA B 122 3.10 -13.77 -33.63
N LEU B 123 2.74 -12.56 -34.05
CA LEU B 123 2.71 -12.22 -35.47
C LEU B 123 4.11 -12.24 -36.07
N SER B 124 4.19 -12.68 -37.33
CA SER B 124 5.45 -12.80 -38.03
C SER B 124 5.31 -12.33 -39.47
N LEU B 125 6.41 -11.85 -40.04
CA LEU B 125 6.43 -11.40 -41.43
C LEU B 125 6.48 -12.60 -42.37
N ILE B 126 5.40 -12.81 -43.12
CA ILE B 126 5.35 -13.83 -44.15
C ILE B 126 5.67 -13.19 -45.49
N TYR B 127 6.62 -13.75 -46.22
CA TYR B 127 7.06 -13.19 -47.50
C TYR B 127 7.06 -14.25 -48.61
N ASN B 128 6.85 -13.79 -49.84
CA ASN B 128 6.86 -14.66 -51.01
C ASN B 128 8.28 -14.79 -51.56
N LYS B 129 8.84 -15.99 -51.47
CA LYS B 129 10.23 -16.24 -51.87
C LYS B 129 10.47 -16.04 -53.37
N ASP B 130 9.47 -16.36 -54.17
CA ASP B 130 9.56 -16.21 -55.63
C ASP B 130 9.58 -14.73 -56.02
N LEU B 131 8.60 -13.98 -55.51
CA LEU B 131 8.50 -12.55 -55.79
C LEU B 131 9.56 -11.73 -55.06
N LEU B 132 10.04 -12.23 -53.93
CA LEU B 132 11.02 -11.50 -53.11
C LEU B 132 11.89 -12.47 -52.32
N PRO B 133 13.08 -12.82 -52.86
CA PRO B 133 13.93 -13.82 -52.21
C PRO B 133 14.49 -13.37 -50.85
N ASN B 134 14.91 -12.11 -50.75
CA ASN B 134 15.38 -11.55 -49.49
C ASN B 134 14.42 -10.45 -49.00
N PRO B 135 13.85 -10.64 -47.81
CA PRO B 135 12.84 -9.70 -47.29
C PRO B 135 13.45 -8.40 -46.77
N PRO B 136 12.61 -7.36 -46.55
CA PRO B 136 13.09 -6.08 -46.06
C PRO B 136 13.26 -6.06 -44.55
N LYS B 137 14.41 -5.58 -44.09
CA LYS B 137 14.70 -5.47 -42.67
C LYS B 137 14.06 -4.22 -42.06
N THR B 138 13.74 -3.24 -42.91
CA THR B 138 13.24 -1.94 -42.45
C THR B 138 11.86 -1.64 -43.05
N TRP B 139 11.04 -0.91 -42.28
CA TRP B 139 9.74 -0.43 -42.76
C TRP B 139 9.88 0.67 -43.82
N GLU B 140 10.90 1.52 -43.64
CA GLU B 140 11.07 2.71 -44.48
C GLU B 140 11.34 2.41 -45.95
N GLU B 141 11.94 1.25 -46.24
CA GLU B 141 12.26 0.87 -47.61
C GLU B 141 11.11 0.19 -48.36
N ILE B 142 10.00 -0.06 -47.66
CA ILE B 142 8.82 -0.70 -48.26
C ILE B 142 8.16 0.17 -49.35
N PRO B 143 7.93 1.47 -49.05
CA PRO B 143 7.45 2.39 -50.09
C PRO B 143 8.22 2.32 -51.40
N ALA B 144 9.56 2.24 -51.30
CA ALA B 144 10.43 2.12 -52.47
C ALA B 144 10.29 0.76 -53.15
N LEU B 145 10.15 -0.29 -52.35
CA LEU B 145 9.97 -1.65 -52.86
C LEU B 145 8.63 -1.81 -53.59
N ASP B 146 7.59 -1.15 -53.08
CA ASP B 146 6.24 -1.28 -53.64
C ASP B 146 6.14 -0.72 -55.06
N LYS B 147 6.76 0.43 -55.30
CA LYS B 147 6.72 1.06 -56.62
C LYS B 147 7.44 0.22 -57.69
N GLU B 148 8.41 -0.58 -57.26
CA GLU B 148 9.11 -1.50 -58.18
C GLU B 148 8.24 -2.70 -58.54
N LEU B 149 7.47 -3.18 -57.56
CA LEU B 149 6.55 -4.31 -57.77
C LEU B 149 5.25 -3.88 -58.44
N LYS B 150 4.84 -2.62 -58.26
CA LYS B 150 3.66 -2.08 -58.94
C LYS B 150 3.86 -1.97 -60.46
N ALA B 151 5.12 -1.84 -60.89
CA ALA B 151 5.45 -1.87 -62.31
C ALA B 151 5.22 -3.26 -62.90
N LYS B 152 5.40 -4.30 -62.09
CA LYS B 152 5.21 -5.69 -62.50
C LYS B 152 3.80 -6.22 -62.18
N GLY B 153 2.89 -5.32 -61.80
CA GLY B 153 1.49 -5.68 -61.53
C GLY B 153 1.28 -6.37 -60.19
N LYS B 154 2.08 -6.00 -59.20
CA LYS B 154 2.01 -6.61 -57.86
C LYS B 154 2.07 -5.54 -56.78
N SER B 155 1.93 -5.97 -55.53
CA SER B 155 2.08 -5.08 -54.38
C SER B 155 3.11 -5.64 -53.41
N ALA B 156 3.62 -4.79 -52.52
CA ALA B 156 4.66 -5.17 -51.57
C ALA B 156 4.07 -5.85 -50.35
N LEU B 157 3.19 -5.14 -49.65
CA LEU B 157 2.63 -5.60 -48.38
C LEU B 157 1.13 -5.39 -48.31
N MET B 158 0.42 -6.40 -47.81
CA MET B 158 -1.02 -6.31 -47.58
C MET B 158 -1.42 -7.16 -46.37
N PHE B 159 -2.12 -6.54 -45.42
CA PHE B 159 -2.58 -7.25 -44.23
C PHE B 159 -3.81 -6.58 -43.60
N ASN B 160 -4.41 -7.27 -42.63
CA ASN B 160 -5.64 -6.81 -42.00
C ASN B 160 -5.44 -5.49 -41.23
N LEU B 161 -5.84 -4.38 -41.85
CA LEU B 161 -5.70 -3.05 -41.25
C LEU B 161 -6.79 -2.71 -40.25
N GLN B 162 -7.92 -3.42 -40.30
CA GLN B 162 -9.08 -3.07 -39.49
C GLN B 162 -8.83 -3.34 -38.00
N GLU B 163 -8.45 -4.57 -37.68
CA GLU B 163 -8.22 -4.96 -36.29
C GLU B 163 -6.87 -4.41 -35.78
N PRO B 164 -6.81 -3.99 -34.50
CA PRO B 164 -5.57 -3.44 -33.93
C PRO B 164 -4.43 -4.44 -33.78
N TYR B 165 -4.76 -5.70 -33.48
CA TYR B 165 -3.77 -6.76 -33.28
C TYR B 165 -2.72 -6.81 -34.40
N PHE B 166 -3.17 -6.59 -35.64
CA PHE B 166 -2.29 -6.65 -36.81
C PHE B 166 -1.55 -5.33 -37.09
N THR B 167 -2.18 -4.21 -36.74
CA THR B 167 -1.61 -2.88 -36.98
C THR B 167 -0.73 -2.37 -35.84
N TRP B 168 -0.86 -2.96 -34.65
CA TRP B 168 -0.15 -2.49 -33.46
C TRP B 168 1.37 -2.63 -33.51
N PRO B 169 1.90 -3.74 -34.07
CA PRO B 169 3.36 -3.92 -34.16
C PRO B 169 4.11 -2.71 -34.72
N LEU B 170 3.53 -2.06 -35.73
CA LEU B 170 4.12 -0.87 -36.33
C LEU B 170 4.05 0.31 -35.36
N ILE B 171 2.91 0.46 -34.68
CA ILE B 171 2.68 1.57 -33.76
C ILE B 171 3.59 1.49 -32.53
N ALA B 172 3.67 0.31 -31.94
CA ALA B 172 4.42 0.12 -30.69
C ALA B 172 5.94 0.07 -30.88
N ALA B 173 6.41 0.13 -32.12
CA ALA B 173 7.85 0.01 -32.42
C ALA B 173 8.68 1.12 -31.78
N ASP B 174 8.26 2.37 -31.96
CA ASP B 174 9.06 3.52 -31.51
C ASP B 174 8.75 4.00 -30.08
N GLY B 175 8.09 3.14 -29.29
CA GLY B 175 7.80 3.45 -27.89
C GLY B 175 6.33 3.62 -27.57
N GLY B 176 5.46 2.86 -28.23
CA GLY B 176 4.03 2.82 -27.91
C GLY B 176 3.72 1.59 -27.07
N TYR B 177 2.70 1.69 -26.22
CA TYR B 177 2.30 0.58 -25.36
C TYR B 177 0.88 0.74 -24.81
N ALA B 178 0.26 -0.38 -24.48
CA ALA B 178 -1.12 -0.39 -23.98
C ALA B 178 -1.17 0.00 -22.51
N PHE B 179 -0.45 -0.75 -21.68
CA PHE B 179 -0.34 -0.49 -20.24
C PHE B 179 1.09 -0.84 -19.80
N LYS B 180 1.69 -0.01 -18.94
CA LYS B 180 3.07 -0.27 -18.51
C LYS B 180 3.13 -1.38 -17.46
N TYR B 181 3.98 -2.37 -17.71
CA TYR B 181 4.10 -3.56 -16.87
C TYR B 181 5.51 -3.59 -16.30
N GLU B 182 5.69 -2.97 -15.13
CA GLU B 182 7.04 -2.75 -14.59
C GLU B 182 7.45 -3.69 -13.46
N ASN B 183 6.49 -4.13 -12.64
CA ASN B 183 6.79 -4.94 -11.45
C ASN B 183 5.76 -6.05 -11.20
N GLY B 184 5.58 -6.92 -12.20
CA GLY B 184 4.58 -7.98 -12.13
C GLY B 184 3.18 -7.43 -11.98
N LYS B 185 2.92 -6.28 -12.61
CA LYS B 185 1.66 -5.57 -12.45
C LYS B 185 1.44 -4.55 -13.56
N TYR B 186 0.23 -4.55 -14.12
CA TYR B 186 -0.15 -3.62 -15.18
C TYR B 186 -0.75 -2.33 -14.59
N ASP B 187 -0.05 -1.23 -14.79
CA ASP B 187 -0.53 0.08 -14.34
C ASP B 187 -1.63 0.58 -15.29
N ILE B 188 -2.87 0.55 -14.81
CA ILE B 188 -4.03 0.93 -15.64
C ILE B 188 -4.02 2.41 -16.04
N LYS B 189 -3.50 3.28 -15.17
CA LYS B 189 -3.38 4.70 -15.47
C LYS B 189 -1.98 5.01 -16.00
N ASP B 190 -1.62 4.35 -17.09
CA ASP B 190 -0.33 4.56 -17.74
C ASP B 190 -0.43 4.02 -19.17
N VAL B 191 -1.23 4.70 -19.97
CA VAL B 191 -1.49 4.32 -21.36
C VAL B 191 -0.55 5.06 -22.31
N GLY B 192 0.08 4.32 -23.22
CA GLY B 192 1.07 4.86 -24.15
C GLY B 192 0.60 4.81 -25.60
N VAL B 193 -0.59 5.33 -25.85
CA VAL B 193 -1.14 5.46 -27.19
C VAL B 193 -0.95 6.87 -27.77
N ASP B 194 -0.82 7.85 -26.88
CA ASP B 194 -0.78 9.27 -27.26
C ASP B 194 0.66 9.80 -27.43
N ASN B 195 1.64 9.11 -26.85
CA ASN B 195 3.04 9.55 -26.92
C ASN B 195 3.63 9.55 -28.33
N ALA B 196 4.82 10.15 -28.46
CA ALA B 196 5.49 10.32 -29.76
C ALA B 196 5.87 9.02 -30.44
N GLY B 197 6.09 7.96 -29.65
CA GLY B 197 6.42 6.64 -30.20
C GLY B 197 5.29 6.08 -31.04
N ALA B 198 4.09 6.04 -30.45
CA ALA B 198 2.89 5.60 -31.16
C ALA B 198 2.44 6.62 -32.21
N LYS B 199 2.78 7.89 -31.99
CA LYS B 199 2.46 8.97 -32.93
C LYS B 199 3.12 8.74 -34.29
N ALA B 200 4.43 8.46 -34.26
CA ALA B 200 5.23 8.30 -35.48
C ALA B 200 4.86 7.05 -36.29
N GLY B 201 4.53 5.97 -35.59
CA GLY B 201 4.17 4.71 -36.24
C GLY B 201 2.89 4.80 -37.06
N LEU B 202 1.84 5.35 -36.45
CA LEU B 202 0.56 5.53 -37.12
C LEU B 202 0.64 6.55 -38.25
N THR B 203 1.48 7.56 -38.08
CA THR B 203 1.72 8.56 -39.12
C THR B 203 2.34 7.92 -40.37
N PHE B 204 3.31 7.03 -40.14
CA PHE B 204 3.94 6.30 -41.25
C PHE B 204 2.95 5.33 -41.91
N LEU B 205 2.08 4.73 -41.10
CA LEU B 205 1.03 3.84 -41.62
C LEU B 205 0.03 4.60 -42.49
N VAL B 206 -0.36 5.80 -42.04
CA VAL B 206 -1.28 6.64 -42.80
C VAL B 206 -0.66 7.12 -44.11
N ASP B 207 0.64 7.42 -44.09
CA ASP B 207 1.37 7.81 -45.30
C ASP B 207 1.28 6.72 -46.37
N LEU B 208 1.52 5.48 -45.97
CA LEU B 208 1.46 4.34 -46.88
C LEU B 208 0.08 4.21 -47.55
N ILE B 209 -0.98 4.52 -46.81
CA ILE B 209 -2.35 4.39 -47.31
C ILE B 209 -2.64 5.42 -48.40
N LYS B 210 -2.37 6.69 -48.12
CA LYS B 210 -2.66 7.77 -49.06
C LYS B 210 -1.61 7.92 -50.18
N ASN B 211 -0.50 7.19 -50.09
CA ASN B 211 0.45 7.08 -51.19
C ASN B 211 0.09 5.97 -52.18
N LYS B 212 -1.05 5.32 -51.97
CA LYS B 212 -1.53 4.21 -52.81
C LYS B 212 -0.59 3.00 -52.81
N HIS B 213 0.11 2.79 -51.71
CA HIS B 213 0.83 1.54 -51.47
C HIS B 213 -0.09 0.53 -50.78
N MET B 214 -1.18 1.03 -50.19
CA MET B 214 -2.07 0.22 -49.38
C MET B 214 -3.48 0.82 -49.36
N ASN B 215 -4.48 -0.05 -49.29
CA ASN B 215 -5.88 0.38 -49.24
C ASN B 215 -6.39 0.42 -47.81
N ALA B 216 -7.14 1.47 -47.47
CA ALA B 216 -7.66 1.65 -46.12
C ALA B 216 -8.64 0.54 -45.71
N ASP B 217 -9.40 0.04 -46.68
CA ASP B 217 -10.46 -0.93 -46.41
C ASP B 217 -10.04 -2.40 -46.60
N THR B 218 -8.75 -2.70 -46.39
CA THR B 218 -8.24 -4.07 -46.46
C THR B 218 -8.57 -4.81 -45.17
N ASP B 219 -9.00 -6.07 -45.30
CA ASP B 219 -9.40 -6.89 -44.16
C ASP B 219 -8.68 -8.25 -44.20
N TYR B 220 -8.95 -9.10 -43.21
CA TYR B 220 -8.32 -10.41 -43.12
C TYR B 220 -8.57 -11.27 -44.36
N SER B 221 -9.77 -11.19 -44.93
CA SER B 221 -10.13 -11.97 -46.12
C SER B 221 -9.29 -11.60 -47.33
N ILE B 222 -9.20 -10.30 -47.61
CA ILE B 222 -8.42 -9.78 -48.73
C ILE B 222 -6.92 -9.96 -48.49
N ALA B 223 -6.51 -9.88 -47.23
CA ALA B 223 -5.09 -10.06 -46.85
C ALA B 223 -4.58 -11.43 -47.26
N GLU B 224 -5.28 -12.48 -46.85
CA GLU B 224 -4.87 -13.86 -47.13
C GLU B 224 -5.08 -14.19 -48.61
N ALA B 225 -6.23 -13.82 -49.15
CA ALA B 225 -6.56 -14.08 -50.56
C ALA B 225 -5.55 -13.47 -51.53
N ALA B 226 -5.01 -12.30 -51.16
CA ALA B 226 -4.01 -11.61 -51.99
C ALA B 226 -2.70 -12.39 -52.03
N PHE B 227 -2.21 -12.80 -50.87
CA PHE B 227 -0.93 -13.49 -50.77
C PHE B 227 -0.99 -14.93 -51.32
N ASN B 228 -2.10 -15.61 -51.09
CA ASN B 228 -2.27 -16.99 -51.55
C ASN B 228 -2.32 -17.10 -53.09
N LYS B 229 -2.81 -16.07 -53.75
CA LYS B 229 -2.86 -16.06 -55.22
C LYS B 229 -1.63 -15.40 -55.86
N GLY B 230 -0.63 -15.05 -55.06
CA GLY B 230 0.61 -14.46 -55.54
C GLY B 230 0.47 -13.02 -56.01
N GLU B 231 -0.53 -12.31 -55.46
CA GLU B 231 -0.82 -10.94 -55.86
C GLU B 231 -0.13 -9.91 -54.95
N THR B 232 0.46 -10.37 -53.85
CA THR B 232 1.25 -9.51 -52.98
C THR B 232 2.48 -10.27 -52.45
N ALA B 233 3.58 -9.54 -52.30
CA ALA B 233 4.86 -10.13 -51.93
C ALA B 233 4.99 -10.45 -50.44
N MET B 234 4.23 -9.74 -49.59
CA MET B 234 4.30 -9.94 -48.15
C MET B 234 2.94 -9.82 -47.46
N THR B 235 2.90 -10.30 -46.22
CA THR B 235 1.73 -10.12 -45.35
C THR B 235 2.17 -10.29 -43.89
N ILE B 236 1.24 -10.08 -42.97
CA ILE B 236 1.52 -10.23 -41.53
C ILE B 236 0.43 -11.09 -40.90
N ASN B 237 0.81 -12.23 -40.35
CA ASN B 237 -0.14 -13.17 -39.76
C ASN B 237 0.54 -14.20 -38.85
N GLY B 238 -0.25 -14.84 -37.99
CA GLY B 238 0.26 -15.83 -37.05
C GLY B 238 0.50 -17.19 -37.66
N PRO B 239 0.82 -18.19 -36.80
CA PRO B 239 1.02 -19.57 -37.26
C PRO B 239 -0.23 -20.23 -37.84
N TRP B 240 -1.39 -19.92 -37.25
CA TRP B 240 -2.67 -20.51 -37.67
C TRP B 240 -2.92 -20.49 -39.18
N ALA B 241 -2.46 -19.44 -39.86
CA ALA B 241 -2.70 -19.27 -41.30
C ALA B 241 -1.70 -20.00 -42.19
N TRP B 242 -0.75 -20.72 -41.61
CA TRP B 242 0.25 -21.47 -42.40
C TRP B 242 -0.39 -22.61 -43.20
N SER B 243 -1.36 -23.29 -42.59
CA SER B 243 -2.03 -24.42 -43.23
C SER B 243 -2.71 -24.03 -44.56
N ASN B 244 -3.27 -22.82 -44.61
CA ASN B 244 -3.88 -22.30 -45.83
C ASN B 244 -2.83 -21.96 -46.89
N ILE B 245 -1.73 -21.35 -46.45
CA ILE B 245 -0.68 -20.93 -47.37
C ILE B 245 0.04 -22.14 -47.97
N ASP B 246 0.11 -23.24 -47.23
CA ASP B 246 0.66 -24.51 -47.76
C ASP B 246 -0.18 -25.02 -48.92
N THR B 247 -1.49 -24.88 -48.79
CA THR B 247 -2.44 -25.33 -49.82
C THR B 247 -2.33 -24.53 -51.12
N SER B 248 -2.01 -23.24 -51.01
CA SER B 248 -1.90 -22.36 -52.17
C SER B 248 -0.67 -22.64 -53.04
N LYS B 249 0.27 -23.43 -52.52
CA LYS B 249 1.49 -23.81 -53.26
C LYS B 249 2.34 -22.59 -53.66
N VAL B 250 2.29 -21.54 -52.83
CA VAL B 250 3.14 -20.38 -53.02
C VAL B 250 4.37 -20.57 -52.14
N ASN B 251 5.54 -20.67 -52.78
CA ASN B 251 6.77 -20.88 -52.05
C ASN B 251 7.06 -19.69 -51.15
N TYR B 252 6.97 -19.90 -49.84
CA TYR B 252 7.01 -18.82 -48.87
C TYR B 252 7.96 -19.11 -47.71
N GLY B 253 8.18 -18.08 -46.89
CA GLY B 253 8.99 -18.18 -45.68
C GLY B 253 8.51 -17.21 -44.63
N VAL B 254 8.71 -17.57 -43.36
CA VAL B 254 8.30 -16.72 -42.24
C VAL B 254 9.55 -16.20 -41.55
N THR B 255 9.61 -14.89 -41.33
CA THR B 255 10.81 -14.23 -40.80
C THR B 255 10.45 -13.14 -39.79
N VAL B 256 11.49 -12.51 -39.24
CA VAL B 256 11.33 -11.43 -38.27
C VAL B 256 10.62 -10.22 -38.88
N LEU B 257 9.87 -9.50 -38.06
CA LEU B 257 9.13 -8.32 -38.50
C LEU B 257 10.10 -7.16 -38.76
N PRO B 258 9.72 -6.22 -39.65
CA PRO B 258 10.65 -5.15 -40.02
C PRO B 258 10.84 -4.10 -38.93
N THR B 259 11.98 -3.41 -38.95
CA THR B 259 12.34 -2.46 -37.90
C THR B 259 11.97 -1.02 -38.29
N PHE B 260 11.11 -0.40 -37.49
CA PHE B 260 10.65 0.97 -37.73
C PHE B 260 11.54 1.96 -36.99
N LYS B 261 12.22 2.82 -37.74
CA LYS B 261 13.15 3.82 -37.19
C LYS B 261 14.23 3.18 -36.29
N GLY B 262 14.71 2.01 -36.70
CA GLY B 262 15.73 1.28 -35.94
C GLY B 262 15.17 0.30 -34.92
N GLN B 263 14.03 0.67 -34.31
CA GLN B 263 13.44 -0.12 -33.22
C GLN B 263 12.69 -1.33 -33.79
N PRO B 264 12.51 -2.38 -32.96
CA PRO B 264 11.80 -3.57 -33.41
C PRO B 264 10.28 -3.44 -33.24
N SER B 265 9.52 -4.02 -34.17
CA SER B 265 8.05 -4.02 -34.08
C SER B 265 7.59 -4.96 -32.97
N LYS B 266 6.60 -4.53 -32.21
CA LYS B 266 6.15 -5.25 -31.01
C LYS B 266 4.73 -5.81 -31.15
N PRO B 267 4.60 -7.05 -31.66
CA PRO B 267 3.28 -7.68 -31.73
C PRO B 267 2.83 -8.21 -30.36
N PHE B 268 1.52 -8.35 -30.18
CA PHE B 268 0.99 -8.93 -28.94
C PHE B 268 1.26 -10.43 -28.91
N VAL B 269 1.76 -10.91 -27.79
CA VAL B 269 2.19 -12.30 -27.65
C VAL B 269 1.20 -13.09 -26.78
N GLY B 270 0.60 -14.12 -27.37
CA GLY B 270 -0.20 -15.10 -26.63
C GLY B 270 0.68 -16.20 -26.09
N VAL B 271 0.28 -16.80 -24.98
CA VAL B 271 1.08 -17.81 -24.28
C VAL B 271 0.18 -18.93 -23.76
N LEU B 272 0.16 -20.06 -24.46
CA LEU B 272 -0.59 -21.22 -24.01
C LEU B 272 -0.04 -21.67 -22.66
N SER B 273 -0.89 -21.62 -21.63
CA SER B 273 -0.46 -21.85 -20.27
C SER B 273 -1.26 -22.98 -19.62
N ALA B 274 -0.68 -23.58 -18.58
CA ALA B 274 -1.28 -24.71 -17.87
C ALA B 274 -1.28 -24.44 -16.37
N GLY B 275 -2.45 -24.09 -15.83
CA GLY B 275 -2.57 -23.75 -14.42
C GLY B 275 -3.27 -24.83 -13.62
N ILE B 276 -3.08 -24.80 -12.31
CA ILE B 276 -3.71 -25.76 -11.41
C ILE B 276 -4.94 -25.13 -10.77
N ASN B 277 -6.00 -25.93 -10.63
CA ASN B 277 -7.22 -25.49 -9.95
C ASN B 277 -6.99 -25.39 -8.45
N ALA B 278 -7.57 -24.35 -7.83
CA ALA B 278 -7.47 -24.16 -6.38
C ALA B 278 -8.27 -25.22 -5.62
N ALA B 279 -9.39 -25.64 -6.21
CA ALA B 279 -10.24 -26.68 -5.63
C ALA B 279 -9.61 -28.08 -5.64
N SER B 280 -8.59 -28.27 -6.49
CA SER B 280 -7.93 -29.56 -6.60
C SER B 280 -7.17 -29.93 -5.32
N PRO B 281 -7.35 -31.18 -4.83
CA PRO B 281 -6.53 -31.68 -3.74
C PRO B 281 -5.22 -32.30 -4.23
N ASN B 282 -5.08 -32.47 -5.55
CA ASN B 282 -3.92 -33.11 -6.15
C ASN B 282 -2.96 -32.08 -6.74
N LYS B 283 -2.60 -31.08 -5.94
CA LYS B 283 -1.73 -30.01 -6.42
C LYS B 283 -0.30 -30.51 -6.66
N GLU B 284 0.21 -31.31 -5.73
CA GLU B 284 1.55 -31.89 -5.87
C GLU B 284 1.63 -32.89 -7.03
N LEU B 285 0.61 -33.74 -7.16
CA LEU B 285 0.53 -34.69 -8.28
C LEU B 285 0.50 -33.95 -9.60
N ALA B 286 -0.37 -32.94 -9.68
CA ALA B 286 -0.49 -32.09 -10.86
C ALA B 286 0.82 -31.38 -11.18
N LYS B 287 1.51 -30.92 -10.15
CA LYS B 287 2.78 -30.22 -10.30
C LYS B 287 3.86 -31.09 -10.95
N GLU B 288 3.92 -32.37 -10.55
CA GLU B 288 4.90 -33.31 -11.09
C GLU B 288 4.64 -33.58 -12.57
N PHE B 289 3.36 -33.79 -12.91
CA PHE B 289 2.96 -34.06 -14.28
C PHE B 289 3.38 -32.95 -15.24
N LEU B 290 3.22 -31.71 -14.81
CA LEU B 290 3.57 -30.55 -15.63
C LEU B 290 5.08 -30.35 -15.69
N GLU B 291 5.75 -30.48 -14.56
CA GLU B 291 7.19 -30.21 -14.48
C GLU B 291 8.03 -31.35 -15.04
N ASN B 292 7.88 -32.54 -14.47
CA ASN B 292 8.76 -33.67 -14.82
C ASN B 292 8.35 -34.43 -16.08
N TYR B 293 7.04 -34.61 -16.28
CA TYR B 293 6.55 -35.44 -17.38
C TYR B 293 6.25 -34.63 -18.65
N LEU B 294 5.45 -33.57 -18.52
CA LEU B 294 5.02 -32.78 -19.68
C LEU B 294 6.14 -31.92 -20.24
N LEU B 295 6.68 -31.02 -19.42
CA LEU B 295 7.71 -30.07 -19.88
C LEU B 295 9.08 -30.73 -20.00
N THR B 296 9.20 -31.60 -21.01
CA THR B 296 10.46 -32.23 -21.38
C THR B 296 10.45 -32.44 -22.89
N ASP B 297 11.62 -32.72 -23.45
CA ASP B 297 11.74 -32.96 -24.89
C ASP B 297 10.89 -34.15 -25.34
N GLU B 298 10.68 -35.12 -24.45
CA GLU B 298 9.82 -36.26 -24.76
C GLU B 298 8.35 -35.85 -24.64
N GLY B 299 8.02 -35.16 -23.55
CA GLY B 299 6.64 -34.79 -23.27
C GLY B 299 6.04 -33.84 -24.29
N LEU B 300 6.78 -32.79 -24.63
CA LEU B 300 6.28 -31.79 -25.59
C LEU B 300 6.26 -32.32 -27.03
N GLU B 301 7.17 -33.24 -27.36
CA GLU B 301 7.16 -33.85 -28.69
C GLU B 301 5.92 -34.71 -28.88
N ALA B 302 5.46 -35.38 -27.82
CA ALA B 302 4.24 -36.18 -27.88
C ALA B 302 3.01 -35.31 -28.20
N VAL B 303 2.98 -34.10 -27.62
CA VAL B 303 1.90 -33.14 -27.87
C VAL B 303 2.06 -32.47 -29.23
N ASN B 304 3.28 -32.08 -29.56
CA ASN B 304 3.57 -31.42 -30.82
C ASN B 304 3.32 -32.31 -32.06
N LYS B 305 3.52 -33.62 -31.89
CA LYS B 305 3.29 -34.60 -32.97
C LYS B 305 1.82 -34.69 -33.38
N ASP B 306 0.92 -34.65 -32.39
CA ASP B 306 -0.52 -34.66 -32.68
C ASP B 306 -0.90 -33.37 -33.40
N LYS B 307 -0.65 -32.23 -32.75
CA LYS B 307 -0.83 -30.93 -33.38
C LYS B 307 0.24 -29.97 -32.88
N PRO B 308 0.80 -29.14 -33.78
CA PRO B 308 1.96 -28.34 -33.43
C PRO B 308 1.64 -27.21 -32.45
N LEU B 309 2.51 -27.02 -31.46
CA LEU B 309 2.42 -25.88 -30.56
C LEU B 309 3.15 -24.67 -31.14
N GLY B 310 3.98 -24.92 -32.16
CA GLY B 310 4.79 -23.87 -32.76
C GLY B 310 6.01 -23.64 -31.89
N ALA B 311 6.10 -22.45 -31.30
CA ALA B 311 7.17 -22.12 -30.37
C ALA B 311 6.80 -22.62 -28.97
N VAL B 312 7.82 -22.92 -28.17
CA VAL B 312 7.62 -23.40 -26.80
C VAL B 312 8.48 -22.62 -25.80
N ALA B 313 8.05 -22.62 -24.54
CA ALA B 313 8.76 -21.90 -23.48
C ALA B 313 10.05 -22.60 -23.08
N LEU B 314 10.04 -23.94 -23.08
CA LEU B 314 11.22 -24.72 -22.70
C LEU B 314 12.34 -24.54 -23.73
N LYS B 315 13.51 -24.12 -23.25
CA LYS B 315 14.64 -23.79 -24.12
C LYS B 315 15.19 -25.00 -24.88
N SER B 316 15.23 -26.16 -24.23
CA SER B 316 15.84 -27.35 -24.82
C SER B 316 15.12 -27.82 -26.09
N TYR B 317 13.80 -27.96 -26.01
CA TYR B 317 13.01 -28.42 -27.15
C TYR B 317 12.82 -27.31 -28.19
N GLU B 318 12.70 -26.06 -27.74
CA GLU B 318 12.57 -24.92 -28.64
C GLU B 318 13.75 -24.82 -29.61
N GLU B 319 14.96 -25.05 -29.08
CA GLU B 319 16.17 -25.04 -29.91
C GLU B 319 16.14 -26.12 -30.99
N GLU B 320 15.52 -27.25 -30.69
CA GLU B 320 15.33 -28.32 -31.68
C GLU B 320 14.27 -27.93 -32.71
N LEU B 321 13.16 -27.36 -32.24
CA LEU B 321 12.08 -26.91 -33.13
C LEU B 321 12.46 -25.70 -33.98
N ALA B 322 13.41 -24.91 -33.50
CA ALA B 322 13.88 -23.71 -34.21
C ALA B 322 14.62 -24.03 -35.52
N LYS B 323 15.05 -25.28 -35.67
CA LYS B 323 15.64 -25.76 -36.93
C LYS B 323 14.74 -25.42 -38.12
N ASP B 324 13.43 -25.57 -37.92
CA ASP B 324 12.43 -25.04 -38.84
C ASP B 324 12.43 -23.51 -38.69
N PRO B 325 12.84 -22.78 -39.73
CA PRO B 325 13.00 -21.32 -39.62
C PRO B 325 11.72 -20.55 -39.32
N ARG B 326 10.57 -21.15 -39.60
CA ARG B 326 9.27 -20.52 -39.33
C ARG B 326 9.03 -20.36 -37.83
N ILE B 327 9.29 -21.43 -37.08
CA ILE B 327 9.12 -21.42 -35.63
C ILE B 327 10.13 -20.48 -34.97
N ALA B 328 11.36 -20.49 -35.47
CA ALA B 328 12.41 -19.58 -34.98
C ALA B 328 12.04 -18.12 -35.18
N ALA B 329 11.39 -17.82 -36.30
CA ALA B 329 10.92 -16.46 -36.60
C ALA B 329 9.82 -16.01 -35.65
N THR B 330 8.94 -16.94 -35.29
CA THR B 330 7.88 -16.67 -34.32
C THR B 330 8.45 -16.37 -32.93
N MET B 331 9.48 -17.12 -32.54
CA MET B 331 10.12 -16.92 -31.24
C MET B 331 10.86 -15.59 -31.18
N GLU B 332 11.53 -15.22 -32.26
CA GLU B 332 12.26 -13.95 -32.33
C GLU B 332 11.30 -12.75 -32.22
N ASN B 333 10.15 -12.86 -32.88
CA ASN B 333 9.11 -11.83 -32.79
C ASN B 333 8.43 -11.80 -31.42
N ALA B 334 8.35 -12.96 -30.78
CA ALA B 334 7.77 -13.09 -29.45
C ALA B 334 8.66 -12.50 -28.37
N GLN B 335 9.96 -12.83 -28.42
CA GLN B 335 10.93 -12.29 -27.45
C GLN B 335 10.98 -10.78 -27.49
N LYS B 336 11.01 -10.22 -28.69
CA LYS B 336 11.01 -8.76 -28.88
C LYS B 336 9.63 -8.15 -28.65
N GLY B 337 8.59 -8.93 -28.91
CA GLY B 337 7.20 -8.45 -28.84
C GLY B 337 6.70 -8.08 -27.45
N GLU B 338 5.54 -7.44 -27.44
CA GLU B 338 4.89 -7.00 -26.22
C GLU B 338 3.94 -8.09 -25.72
N ILE B 339 4.09 -8.49 -24.46
CA ILE B 339 3.22 -9.52 -23.87
C ILE B 339 1.83 -8.93 -23.64
N MET B 340 0.80 -9.69 -24.01
CA MET B 340 -0.56 -9.16 -24.01
C MET B 340 -1.13 -9.10 -22.59
N PRO B 341 -1.69 -7.94 -22.19
CA PRO B 341 -2.32 -7.81 -20.87
C PRO B 341 -3.37 -8.87 -20.55
N ASN B 342 -3.28 -9.43 -19.34
CA ASN B 342 -4.24 -10.40 -18.83
C ASN B 342 -5.39 -9.75 -18.07
N ILE B 343 -5.34 -8.44 -17.89
CA ILE B 343 -6.36 -7.70 -17.13
C ILE B 343 -7.64 -7.51 -17.95
N PRO B 344 -8.80 -7.43 -17.27
CA PRO B 344 -10.08 -7.15 -17.94
C PRO B 344 -10.24 -5.69 -18.38
N GLN B 345 -9.35 -4.80 -17.93
CA GLN B 345 -9.33 -3.41 -18.40
C GLN B 345 -8.80 -3.30 -19.83
N MET B 346 -8.24 -4.41 -20.33
CA MET B 346 -7.76 -4.51 -21.71
C MET B 346 -8.91 -4.38 -22.72
N SER B 347 -10.13 -4.76 -22.32
CA SER B 347 -11.31 -4.64 -23.16
C SER B 347 -11.47 -3.27 -23.79
N ALA B 348 -11.16 -2.23 -23.02
CA ALA B 348 -11.29 -0.85 -23.51
C ALA B 348 -10.25 -0.48 -24.57
N PHE B 349 -9.08 -1.12 -24.50
CA PHE B 349 -8.00 -0.83 -25.44
C PHE B 349 -8.38 -1.13 -26.90
N TRP B 350 -9.17 -2.19 -27.09
CA TRP B 350 -9.45 -2.71 -28.43
C TRP B 350 -10.33 -1.80 -29.28
N TYR B 351 -11.45 -1.33 -28.73
CA TYR B 351 -12.32 -0.41 -29.46
C TYR B 351 -11.65 0.96 -29.64
N ALA B 352 -10.80 1.33 -28.68
CA ALA B 352 -10.14 2.64 -28.70
C ALA B 352 -9.19 2.78 -29.88
N VAL B 353 -8.32 1.79 -30.06
CA VAL B 353 -7.35 1.79 -31.15
C VAL B 353 -8.03 1.47 -32.49
N ARG B 354 -9.00 0.56 -32.48
CA ARG B 354 -9.76 0.23 -33.68
C ARG B 354 -10.55 1.44 -34.20
N THR B 355 -11.02 2.29 -33.30
CA THR B 355 -11.67 3.54 -33.68
C THR B 355 -10.66 4.56 -34.23
N ALA B 356 -9.52 4.68 -33.55
CA ALA B 356 -8.48 5.63 -33.94
C ALA B 356 -7.81 5.26 -35.27
N VAL B 357 -7.60 3.97 -35.50
CA VAL B 357 -6.96 3.50 -36.73
C VAL B 357 -7.84 3.72 -37.95
N ILE B 358 -9.12 3.35 -37.85
CA ILE B 358 -10.06 3.48 -38.98
C ILE B 358 -10.28 4.96 -39.33
N ASN B 359 -10.40 5.80 -38.32
CA ASN B 359 -10.56 7.24 -38.53
C ASN B 359 -9.31 7.90 -39.10
N ALA B 360 -8.14 7.42 -38.69
CA ALA B 360 -6.87 7.92 -39.24
C ALA B 360 -6.62 7.40 -40.65
N ALA B 361 -7.09 6.19 -40.93
CA ALA B 361 -6.92 5.57 -42.26
C ALA B 361 -7.81 6.22 -43.31
N SER B 362 -9.08 6.46 -42.96
CA SER B 362 -10.05 7.06 -43.87
C SER B 362 -9.78 8.55 -44.13
N GLY B 363 -9.05 9.19 -43.22
CA GLY B 363 -8.80 10.63 -43.30
C GLY B 363 -9.89 11.45 -42.65
N ARG B 364 -10.78 10.78 -41.91
CA ARG B 364 -11.87 11.44 -41.20
C ARG B 364 -11.35 12.21 -40.00
N GLN B 365 -10.29 11.70 -39.39
CA GLN B 365 -9.65 12.34 -38.25
C GLN B 365 -8.14 12.30 -38.43
N THR B 366 -7.44 13.25 -37.81
CA THR B 366 -5.99 13.31 -37.88
C THR B 366 -5.36 12.28 -36.94
N VAL B 367 -4.03 12.12 -37.05
CA VAL B 367 -3.31 11.15 -36.24
C VAL B 367 -3.25 11.59 -34.78
N ASP B 368 -2.98 12.88 -34.55
CA ASP B 368 -2.81 13.42 -33.20
C ASP B 368 -4.13 13.47 -32.42
N GLU B 369 -5.22 13.79 -33.12
CA GLU B 369 -6.54 13.88 -32.50
C GLU B 369 -7.11 12.50 -32.16
N ALA B 370 -6.95 11.56 -33.10
CA ALA B 370 -7.48 10.20 -32.93
C ALA B 370 -6.86 9.50 -31.73
N LEU B 371 -5.54 9.62 -31.59
CA LEU B 371 -4.82 9.00 -30.49
C LEU B 371 -5.10 9.68 -29.15
N LYS B 372 -5.38 10.98 -29.19
CA LYS B 372 -5.72 11.72 -27.97
C LYS B 372 -7.10 11.29 -27.45
N ASP B 373 -8.02 11.02 -28.36
CA ASP B 373 -9.35 10.53 -28.01
C ASP B 373 -9.29 9.09 -27.50
N ALA B 374 -8.39 8.28 -28.07
CA ALA B 374 -8.16 6.92 -27.61
C ALA B 374 -7.57 6.90 -26.19
N GLN B 375 -6.69 7.86 -25.91
CA GLN B 375 -6.11 8.04 -24.57
C GLN B 375 -7.18 8.34 -23.53
N THR B 376 -8.20 9.12 -23.93
CA THR B 376 -9.27 9.51 -23.02
C THR B 376 -10.31 8.40 -22.84
N ASN B 377 -10.77 7.85 -23.96
CA ASN B 377 -11.88 6.89 -23.98
C ASN B 377 -11.55 5.54 -23.34
N ALA B 378 -10.29 5.12 -23.48
CA ALA B 378 -9.77 3.92 -22.84
C ALA B 378 -10.11 3.86 -21.35
N ALA B 379 -10.03 5.01 -20.66
CA ALA B 379 -10.43 5.11 -19.26
C ALA B 379 -11.84 4.56 -19.05
N ALA B 380 -12.79 5.08 -19.81
CA ALA B 380 -14.19 4.65 -19.76
C ALA B 380 -14.80 4.79 -18.37
N SER B 384 -14.35 2.55 -14.24
CA SER B 384 -14.27 1.22 -13.64
C SER B 384 -14.26 1.28 -12.11
N ASP B 385 -13.61 2.32 -11.58
CA ASP B 385 -13.59 2.59 -10.13
C ASP B 385 -15.02 2.83 -9.60
N PRO B 386 -15.32 2.37 -8.37
CA PRO B 386 -16.67 2.56 -7.86
C PRO B 386 -16.97 3.96 -7.31
N ARG B 387 -15.94 4.76 -7.04
CA ARG B 387 -16.15 6.12 -6.52
C ARG B 387 -15.92 7.21 -7.57
N ARG B 388 -15.69 6.81 -8.81
CA ARG B 388 -15.42 7.76 -9.89
C ARG B 388 -16.64 8.59 -10.26
N CYS B 389 -16.40 9.67 -11.00
CA CYS B 389 -17.44 10.55 -11.50
C CYS B 389 -18.24 9.85 -12.58
N MET B 390 -19.40 9.32 -12.20
CA MET B 390 -20.24 8.52 -13.10
C MET B 390 -21.68 9.00 -13.09
N ARG B 391 -22.45 8.50 -14.05
CA ARG B 391 -23.81 8.94 -14.31
C ARG B 391 -24.82 8.06 -13.55
N HIS B 392 -25.32 8.58 -12.44
CA HIS B 392 -26.28 7.86 -11.60
C HIS B 392 -27.72 8.13 -12.02
N HIS B 393 -28.56 7.10 -11.94
CA HIS B 393 -29.97 7.19 -12.35
C HIS B 393 -30.89 7.10 -11.13
N TYR B 394 -32.01 7.82 -11.18
CA TYR B 394 -32.98 7.82 -10.08
C TYR B 394 -34.33 8.36 -10.53
N VAL B 395 -35.33 8.19 -9.66
CA VAL B 395 -36.70 8.57 -9.97
C VAL B 395 -37.21 9.64 -9.01
N ASP B 396 -37.97 10.58 -9.55
CA ASP B 396 -38.52 11.70 -8.77
C ASP B 396 -39.85 12.14 -9.37
N SER B 397 -40.81 12.46 -8.50
CA SER B 397 -42.13 12.91 -8.92
C SER B 397 -42.14 14.42 -9.14
N ILE B 398 -42.37 14.85 -10.38
CA ILE B 398 -42.37 16.27 -10.72
C ILE B 398 -43.71 16.90 -10.36
N SER B 399 -43.66 18.02 -9.63
CA SER B 399 -44.87 18.74 -9.22
C SER B 399 -44.61 20.24 -9.19
N HIS B 400 -45.62 21.02 -9.58
CA HIS B 400 -45.47 22.46 -9.74
C HIS B 400 -45.53 23.16 -8.37
N PRO B 401 -44.61 24.10 -8.10
CA PRO B 401 -44.72 24.85 -6.85
C PRO B 401 -45.89 25.86 -6.90
N LEU B 402 -46.51 26.09 -5.75
CA LEU B 402 -47.64 27.03 -5.60
C LEU B 402 -48.95 26.44 -6.15
N TYR B 403 -49.02 26.27 -7.47
CA TYR B 403 -50.19 25.66 -8.10
C TYR B 403 -50.26 24.16 -7.79
N LYS B 404 -51.16 23.79 -6.90
CA LYS B 404 -51.39 22.37 -6.59
C LYS B 404 -51.88 21.62 -7.85
N CYS B 405 -51.08 20.65 -8.25
CA CYS B 405 -51.31 19.93 -9.51
C CYS B 405 -50.91 18.46 -9.39
N SER B 406 -51.59 17.60 -10.15
CA SER B 406 -51.26 16.17 -10.19
C SER B 406 -49.83 15.96 -10.67
N SER B 407 -49.12 15.02 -10.06
CA SER B 407 -47.71 14.76 -10.36
C SER B 407 -47.53 13.49 -11.17
N LYS B 408 -46.38 13.36 -11.81
CA LYS B 408 -46.02 12.19 -12.60
C LYS B 408 -44.63 11.68 -12.20
N MET B 409 -44.46 10.36 -12.21
CA MET B 409 -43.19 9.73 -11.86
C MET B 409 -42.27 9.76 -13.08
N VAL B 410 -41.06 10.30 -12.92
CA VAL B 410 -40.16 10.53 -14.05
C VAL B 410 -38.73 10.11 -13.74
N LEU B 411 -38.02 9.61 -14.76
CA LEU B 411 -36.62 9.26 -14.62
C LEU B 411 -35.74 10.49 -14.77
N LEU B 412 -34.70 10.56 -13.94
CA LEU B 412 -33.68 11.59 -14.04
C LEU B 412 -32.30 10.94 -14.04
N ALA B 413 -31.30 11.72 -14.46
CA ALA B 413 -29.91 11.30 -14.40
C ALA B 413 -29.09 12.40 -13.75
N ARG B 414 -28.30 12.04 -12.75
CA ARG B 414 -27.44 13.01 -12.06
C ARG B 414 -25.99 12.54 -12.03
N CYS B 415 -25.06 13.49 -11.97
CA CYS B 415 -23.64 13.19 -11.86
C CYS B 415 -23.24 13.18 -10.39
N GLU B 416 -22.30 12.30 -10.05
CA GLU B 416 -21.84 12.15 -8.67
C GLU B 416 -20.54 11.35 -8.64
N GLY B 417 -19.63 11.72 -7.74
CA GLY B 417 -18.39 10.98 -7.56
C GLY B 417 -17.19 11.84 -7.24
N HIS B 418 -16.11 11.20 -6.84
CA HIS B 418 -14.88 11.88 -6.46
C HIS B 418 -13.92 11.89 -7.64
N CYS B 419 -13.60 13.07 -8.15
CA CYS B 419 -12.61 13.19 -9.21
C CYS B 419 -11.22 12.88 -8.67
N SER B 420 -10.44 12.10 -9.43
CA SER B 420 -9.17 11.57 -8.96
C SER B 420 -8.03 12.59 -8.91
N GLN B 421 -8.23 13.77 -9.51
CA GLN B 421 -7.22 14.83 -9.48
C GLN B 421 -7.26 15.55 -8.14
N ALA B 422 -6.08 15.88 -7.62
CA ALA B 422 -5.97 16.64 -6.38
C ALA B 422 -6.18 18.12 -6.69
N SER B 423 -7.10 18.74 -5.96
CA SER B 423 -7.35 20.17 -6.10
C SER B 423 -6.27 20.97 -5.35
N ARG B 424 -5.89 22.11 -5.91
CA ARG B 424 -4.88 22.96 -5.31
C ARG B 424 -5.21 24.43 -5.44
N SER B 425 -4.46 25.25 -4.72
CA SER B 425 -4.55 26.70 -4.79
C SER B 425 -3.16 27.29 -4.57
N GLU B 426 -2.48 27.60 -5.68
CA GLU B 426 -1.10 28.06 -5.68
C GLU B 426 -1.04 29.60 -5.68
N PRO B 427 -0.12 30.19 -4.89
CA PRO B 427 -0.12 31.64 -4.74
C PRO B 427 0.49 32.37 -5.92
N LEU B 428 -0.11 33.50 -6.30
CA LEU B 428 0.32 34.30 -7.44
C LEU B 428 1.21 35.46 -7.00
N VAL B 429 2.17 35.82 -7.85
CA VAL B 429 3.03 36.99 -7.63
C VAL B 429 2.47 38.19 -8.39
N SER B 430 2.13 39.26 -7.68
CA SER B 430 1.51 40.44 -8.28
C SER B 430 2.32 41.71 -8.00
N PHE B 431 2.75 42.37 -9.08
CA PHE B 431 3.56 43.60 -8.96
C PHE B 431 2.68 44.85 -8.98
N SER B 432 1.98 45.06 -10.10
CA SER B 432 1.14 46.23 -10.25
C SER B 432 -0.08 46.16 -9.34
N THR B 433 -0.54 47.33 -8.88
CA THR B 433 -1.73 47.44 -8.02
C THR B 433 -3.07 47.24 -8.75
N VAL B 434 -3.03 46.74 -9.99
CA VAL B 434 -4.24 46.43 -10.76
C VAL B 434 -4.96 45.24 -10.12
N LEU B 435 -6.29 45.20 -10.29
CA LEU B 435 -7.15 44.20 -9.67
C LEU B 435 -6.80 42.79 -10.17
N LYS B 436 -6.02 42.07 -9.34
CA LYS B 436 -5.57 40.72 -9.67
C LYS B 436 -6.11 39.70 -8.67
N GLN B 437 -6.07 38.43 -9.08
CA GLN B 437 -6.41 37.32 -8.19
C GLN B 437 -5.22 37.01 -7.29
N PRO B 438 -5.47 36.77 -5.98
CA PRO B 438 -4.37 36.41 -5.09
C PRO B 438 -3.86 34.99 -5.30
N PHE B 439 -4.73 34.08 -5.72
CA PHE B 439 -4.39 32.68 -5.93
C PHE B 439 -4.80 32.19 -7.32
N ARG B 440 -4.00 31.29 -7.88
CA ARG B 440 -4.34 30.59 -9.13
C ARG B 440 -4.61 29.12 -8.82
N SER B 441 -5.89 28.79 -8.65
CA SER B 441 -6.30 27.49 -8.18
C SER B 441 -6.71 26.52 -9.29
N SER B 442 -6.64 25.23 -8.99
CA SER B 442 -7.08 24.18 -9.89
C SER B 442 -7.93 23.19 -9.08
N CYS B 443 -9.03 22.74 -9.66
CA CYS B 443 -9.98 21.88 -8.93
C CYS B 443 -11.00 21.26 -9.88
N HIS B 444 -11.09 19.94 -9.86
CA HIS B 444 -11.95 19.21 -10.80
C HIS B 444 -13.26 18.73 -10.15
N CYS B 445 -14.38 19.08 -10.78
CA CYS B 445 -15.71 18.76 -10.27
C CYS B 445 -16.44 17.84 -11.23
N CYS B 446 -17.18 16.88 -10.67
CA CYS B 446 -18.01 15.98 -11.45
C CYS B 446 -19.23 16.73 -11.95
N ARG B 447 -19.33 16.88 -13.27
CA ARG B 447 -20.40 17.67 -13.89
C ARG B 447 -20.87 17.01 -15.19
N PRO B 448 -22.04 17.43 -15.72
CA PRO B 448 -22.52 16.85 -16.97
C PRO B 448 -21.72 17.32 -18.19
N GLN B 449 -21.33 16.37 -19.04
CA GLN B 449 -20.62 16.66 -20.28
C GLN B 449 -21.60 16.92 -21.41
N THR B 450 -22.57 16.01 -21.55
CA THR B 450 -23.59 16.10 -22.59
C THR B 450 -24.97 15.84 -22.00
N SER B 451 -25.95 16.61 -22.46
CA SER B 451 -27.34 16.48 -22.00
C SER B 451 -28.30 16.89 -23.11
N LYS B 452 -29.58 16.56 -22.93
CA LYS B 452 -30.62 16.95 -23.88
C LYS B 452 -31.88 17.42 -23.12
N LEU B 453 -32.63 18.32 -23.74
CA LEU B 453 -33.83 18.88 -23.11
C LEU B 453 -34.96 17.86 -23.08
N LYS B 454 -35.87 18.06 -22.13
CA LYS B 454 -37.06 17.23 -21.97
C LYS B 454 -38.23 18.16 -21.66
N ALA B 455 -39.45 17.65 -21.79
CA ALA B 455 -40.65 18.41 -21.43
C ALA B 455 -41.65 17.48 -20.74
N LEU B 456 -42.62 18.07 -20.03
CA LEU B 456 -43.64 17.27 -19.36
C LEU B 456 -44.88 18.11 -19.03
N ARG B 457 -45.96 17.87 -19.76
CA ARG B 457 -47.25 18.49 -19.44
C ARG B 457 -47.78 17.95 -18.13
N LEU B 458 -48.36 18.83 -17.32
CA LEU B 458 -49.03 18.44 -16.08
C LEU B 458 -50.51 18.81 -16.13
N ARG B 459 -51.35 17.79 -16.04
CA ARG B 459 -52.81 17.97 -16.02
C ARG B 459 -53.24 18.68 -14.72
N CYS B 460 -53.25 20.01 -14.76
CA CYS B 460 -53.72 20.82 -13.64
C CYS B 460 -55.18 21.22 -13.85
N SER B 461 -56.07 20.62 -13.08
CA SER B 461 -57.46 21.07 -13.04
C SER B 461 -57.50 22.40 -12.29
N GLY B 462 -58.41 23.28 -12.71
CA GLY B 462 -58.47 24.64 -12.18
C GLY B 462 -57.33 25.47 -12.72
N GLY B 463 -57.20 25.48 -14.03
CA GLY B 463 -56.13 26.21 -14.71
C GLY B 463 -55.90 25.67 -16.10
N MET B 464 -54.64 25.49 -16.46
CA MET B 464 -54.26 24.96 -17.77
C MET B 464 -53.15 23.93 -17.64
N ARG B 465 -52.85 23.26 -18.74
CA ARG B 465 -51.78 22.28 -18.81
C ARG B 465 -50.43 22.97 -19.07
N LEU B 466 -49.71 23.24 -17.98
CA LEU B 466 -48.38 23.82 -18.04
C LEU B 466 -47.34 22.74 -18.32
N THR B 467 -46.27 23.09 -19.05
CA THR B 467 -45.17 22.17 -19.29
C THR B 467 -43.98 22.45 -18.37
N ALA B 468 -43.33 21.39 -17.92
CA ALA B 468 -42.15 21.48 -17.06
C ALA B 468 -40.93 21.03 -17.85
N THR B 469 -39.93 21.91 -17.96
CA THR B 469 -38.71 21.59 -18.69
C THR B 469 -37.55 21.25 -17.74
N TYR B 470 -36.70 20.34 -18.19
CA TYR B 470 -35.53 19.91 -17.43
C TYR B 470 -34.58 19.18 -18.36
N ARG B 471 -33.28 19.23 -18.07
CA ARG B 471 -32.27 18.59 -18.91
C ARG B 471 -31.95 17.18 -18.42
N TYR B 472 -32.11 16.19 -19.31
CA TYR B 472 -31.72 14.81 -19.02
C TYR B 472 -30.23 14.65 -19.35
N ILE B 473 -29.45 14.17 -18.38
CA ILE B 473 -28.01 14.05 -18.56
C ILE B 473 -27.66 12.76 -19.31
N LEU B 474 -26.83 12.91 -20.33
CA LEU B 474 -26.39 11.78 -21.15
C LEU B 474 -25.01 11.25 -20.75
N SER B 475 -24.13 12.15 -20.28
CA SER B 475 -22.81 11.73 -19.80
C SER B 475 -22.20 12.75 -18.84
N CYS B 476 -21.37 12.27 -17.92
CA CYS B 476 -20.66 13.10 -16.96
C CYS B 476 -19.16 13.10 -17.25
N HIS B 477 -18.46 14.12 -16.75
CA HIS B 477 -16.99 14.16 -16.81
C HIS B 477 -16.43 15.17 -15.82
N CYS B 478 -15.21 14.92 -15.36
CA CYS B 478 -14.52 15.81 -14.43
C CYS B 478 -13.96 17.02 -15.18
N GLU B 479 -14.44 18.21 -14.80
CA GLU B 479 -13.98 19.46 -15.42
C GLU B 479 -13.61 20.49 -14.37
N GLU B 480 -13.02 21.59 -14.81
CA GLU B 480 -12.49 22.61 -13.89
C GLU B 480 -13.60 23.30 -13.11
N CYS B 481 -13.26 23.79 -11.92
CA CYS B 481 -14.20 24.50 -11.06
C CYS B 481 -14.66 25.81 -11.73
N ASN B 482 -13.70 26.58 -12.22
CA ASN B 482 -14.02 27.84 -12.92
C ASN B 482 -14.21 27.61 -14.42
N SER B 483 -15.35 27.03 -14.78
CA SER B 483 -15.70 26.78 -16.18
C SER B 483 -17.21 26.67 -16.36
N ARG C 15 -40.73 -3.07 -1.70
CA ARG C 15 -39.37 -2.53 -1.99
C ARG C 15 -38.63 -3.43 -3.00
N CYS C 16 -37.41 -3.03 -3.34
CA CYS C 16 -36.61 -3.72 -4.35
C CYS C 16 -35.52 -4.60 -3.74
N ASP C 17 -34.86 -5.40 -4.57
CA ASP C 17 -33.80 -6.31 -4.13
C ASP C 17 -32.42 -5.80 -4.57
N PRO C 18 -31.34 -6.20 -3.87
CA PRO C 18 -29.98 -5.81 -4.25
C PRO C 18 -29.42 -6.70 -5.36
N ILE C 19 -28.46 -6.17 -6.12
CA ILE C 19 -27.92 -6.86 -7.29
C ILE C 19 -26.84 -7.87 -6.89
N ARG C 20 -27.16 -9.16 -7.02
CA ARG C 20 -26.26 -10.24 -6.66
C ARG C 20 -25.25 -10.59 -7.77
N ILE C 21 -25.48 -10.12 -8.99
CA ILE C 21 -24.59 -10.42 -10.12
C ILE C 21 -23.32 -9.57 -10.02
N SER C 22 -22.18 -10.16 -10.40
CA SER C 22 -20.88 -9.53 -10.19
C SER C 22 -20.61 -8.40 -11.19
N MET C 23 -20.75 -8.70 -12.48
CA MET C 23 -20.42 -7.73 -13.53
C MET C 23 -21.39 -6.55 -13.60
N CYS C 24 -22.63 -6.74 -13.14
CA CYS C 24 -23.65 -5.68 -13.18
C CYS C 24 -23.86 -4.99 -11.82
N GLN C 25 -22.83 -4.98 -10.97
CA GLN C 25 -22.93 -4.34 -9.65
C GLN C 25 -22.64 -2.85 -9.75
N ASN C 26 -21.44 -2.51 -10.16
CA ASN C 26 -21.02 -1.12 -10.29
C ASN C 26 -21.62 -0.49 -11.56
N LEU C 27 -22.74 0.21 -11.40
CA LEU C 27 -23.47 0.80 -12.52
C LEU C 27 -24.10 2.12 -12.07
N GLY C 28 -25.02 2.64 -12.88
CA GLY C 28 -25.83 3.80 -12.50
C GLY C 28 -26.79 3.52 -11.35
N TYR C 29 -27.07 2.24 -11.10
CA TYR C 29 -27.96 1.82 -10.01
C TYR C 29 -27.42 0.59 -9.29
N ASN C 30 -28.04 0.25 -8.16
CA ASN C 30 -27.61 -0.88 -7.34
C ASN C 30 -28.78 -1.71 -6.79
N VAL C 31 -29.91 -1.69 -7.51
CA VAL C 31 -31.10 -2.45 -7.12
C VAL C 31 -31.82 -3.00 -8.36
N THR C 32 -32.36 -4.20 -8.23
CA THR C 32 -33.05 -4.88 -9.33
C THR C 32 -34.22 -5.73 -8.83
N LYS C 33 -35.14 -6.03 -9.74
CA LYS C 33 -36.33 -6.83 -9.42
C LYS C 33 -36.58 -7.90 -10.48
N MET C 34 -36.69 -9.15 -10.03
CA MET C 34 -37.02 -10.28 -10.89
C MET C 34 -38.54 -10.50 -10.91
N PRO C 35 -39.09 -11.06 -11.99
CA PRO C 35 -38.34 -11.54 -13.16
C PRO C 35 -37.90 -10.43 -14.13
N ASN C 36 -36.86 -10.72 -14.91
CA ASN C 36 -36.27 -9.74 -15.83
C ASN C 36 -37.01 -9.70 -17.18
N LEU C 37 -36.47 -8.95 -18.14
CA LEU C 37 -37.15 -8.70 -19.41
C LEU C 37 -37.00 -9.83 -20.44
N VAL C 38 -36.03 -10.71 -20.23
CA VAL C 38 -35.82 -11.86 -21.11
C VAL C 38 -36.75 -13.01 -20.75
N GLY C 39 -36.98 -13.22 -19.45
CA GLY C 39 -37.81 -14.32 -18.96
C GLY C 39 -37.28 -15.07 -17.74
N HIS C 40 -36.08 -14.72 -17.27
CA HIS C 40 -35.47 -15.37 -16.11
C HIS C 40 -36.20 -14.96 -14.82
N GLU C 41 -36.44 -15.95 -13.95
CA GLU C 41 -37.15 -15.72 -12.68
C GLU C 41 -36.19 -15.48 -11.51
N LEU C 42 -34.95 -15.93 -11.64
CA LEU C 42 -33.94 -15.75 -10.60
C LEU C 42 -32.65 -15.16 -11.19
N GLN C 43 -31.88 -14.47 -10.36
CA GLN C 43 -30.64 -13.82 -10.81
C GLN C 43 -29.53 -14.83 -11.12
N THR C 44 -29.55 -15.96 -10.43
CA THR C 44 -28.60 -17.04 -10.69
C THR C 44 -28.66 -17.53 -12.15
N ASP C 45 -29.87 -17.60 -12.70
CA ASP C 45 -30.07 -18.02 -14.09
C ASP C 45 -29.66 -16.94 -15.08
N ALA C 46 -29.90 -15.67 -14.71
CA ALA C 46 -29.52 -14.53 -15.55
C ALA C 46 -28.00 -14.47 -15.73
N GLU C 47 -27.26 -14.64 -14.64
CA GLU C 47 -25.80 -14.61 -14.68
C GLU C 47 -25.25 -15.79 -15.50
N LEU C 48 -25.97 -16.91 -15.46
CA LEU C 48 -25.59 -18.11 -16.22
C LEU C 48 -25.65 -17.86 -17.73
N GLN C 49 -26.56 -16.98 -18.16
CA GLN C 49 -26.69 -16.63 -19.58
C GLN C 49 -25.94 -15.34 -19.96
N LEU C 50 -25.74 -14.44 -18.99
CA LEU C 50 -25.01 -13.19 -19.25
C LEU C 50 -23.55 -13.43 -19.63
N THR C 51 -22.92 -14.40 -18.98
CA THR C 51 -21.49 -14.68 -19.19
C THR C 51 -21.16 -15.23 -20.57
N THR C 52 -22.17 -15.64 -21.34
CA THR C 52 -21.97 -16.03 -22.74
C THR C 52 -21.67 -14.83 -23.65
N PHE C 53 -21.94 -13.62 -23.16
CA PHE C 53 -21.61 -12.39 -23.92
C PHE C 53 -20.19 -11.88 -23.65
N THR C 54 -19.41 -12.60 -22.85
CA THR C 54 -18.06 -12.18 -22.48
C THR C 54 -17.06 -12.04 -23.64
N PRO C 55 -17.20 -12.84 -24.71
CA PRO C 55 -16.32 -12.59 -25.86
C PRO C 55 -16.64 -11.28 -26.57
N LEU C 56 -17.92 -10.96 -26.68
CA LEU C 56 -18.38 -9.73 -27.32
C LEU C 56 -18.00 -8.51 -26.48
N ILE C 57 -18.02 -8.68 -25.16
CA ILE C 57 -17.55 -7.65 -24.23
C ILE C 57 -16.03 -7.47 -24.36
N GLN C 58 -15.30 -8.59 -24.32
CA GLN C 58 -13.85 -8.59 -24.44
C GLN C 58 -13.38 -7.99 -25.77
N TYR C 59 -14.13 -8.27 -26.83
CA TYR C 59 -13.86 -7.68 -28.15
C TYR C 59 -14.09 -6.17 -28.10
N GLY C 60 -15.21 -5.76 -27.50
CA GLY C 60 -15.52 -4.35 -27.31
C GLY C 60 -16.05 -3.69 -28.56
N CYS C 61 -17.20 -4.16 -29.03
CA CYS C 61 -17.86 -3.59 -30.19
C CYS C 61 -18.48 -2.23 -29.85
N SER C 62 -19.16 -2.18 -28.70
CA SER C 62 -19.82 -0.97 -28.23
C SER C 62 -19.42 -0.68 -26.78
N SER C 63 -19.19 0.58 -26.47
CA SER C 63 -18.84 1.00 -25.12
C SER C 63 -20.01 0.85 -24.15
N GLN C 64 -21.23 1.04 -24.65
CA GLN C 64 -22.44 0.93 -23.81
C GLN C 64 -22.98 -0.51 -23.70
N LEU C 65 -22.32 -1.45 -24.36
CA LEU C 65 -22.80 -2.84 -24.43
C LEU C 65 -23.12 -3.43 -23.07
N GLN C 66 -22.19 -3.29 -22.13
CA GLN C 66 -22.34 -3.89 -20.79
C GLN C 66 -23.52 -3.31 -20.04
N PHE C 67 -23.68 -1.98 -20.10
CA PHE C 67 -24.81 -1.31 -19.48
C PHE C 67 -26.13 -1.75 -20.12
N PHE C 68 -26.13 -1.89 -21.45
CA PHE C 68 -27.32 -2.34 -22.18
C PHE C 68 -27.71 -3.76 -21.79
N LEU C 69 -26.72 -4.66 -21.71
CA LEU C 69 -26.98 -6.05 -21.32
C LEU C 69 -27.47 -6.15 -19.87
N CYS C 70 -26.82 -5.38 -18.99
CA CYS C 70 -27.20 -5.38 -17.57
C CYS C 70 -28.57 -4.72 -17.35
N SER C 71 -28.94 -3.78 -18.20
CA SER C 71 -30.27 -3.14 -18.11
C SER C 71 -31.41 -4.08 -18.52
N VAL C 72 -31.09 -5.07 -19.35
CA VAL C 72 -32.08 -6.05 -19.80
C VAL C 72 -32.18 -7.22 -18.84
N TYR C 73 -31.05 -7.90 -18.64
CA TYR C 73 -31.01 -9.13 -17.84
C TYR C 73 -31.20 -8.92 -16.33
N VAL C 74 -30.83 -7.74 -15.84
CA VAL C 74 -30.99 -7.39 -14.42
C VAL C 74 -31.42 -5.91 -14.33
N PRO C 75 -32.69 -5.63 -14.71
CA PRO C 75 -33.13 -4.25 -14.92
C PRO C 75 -33.22 -3.42 -13.64
N MET C 76 -33.06 -2.11 -13.81
CA MET C 76 -33.21 -1.16 -12.71
C MET C 76 -34.65 -1.21 -12.18
N CYS C 77 -34.81 -0.96 -10.89
CA CYS C 77 -36.12 -0.93 -10.24
C CYS C 77 -36.15 0.10 -9.12
N THR C 78 -37.34 0.62 -8.85
CA THR C 78 -37.52 1.61 -7.79
C THR C 78 -38.73 1.24 -6.94
N GLU C 79 -38.63 1.53 -5.64
CA GLU C 79 -39.70 1.28 -4.68
C GLU C 79 -40.90 2.23 -4.85
N LYS C 80 -40.76 3.24 -5.71
CA LYS C 80 -41.81 4.22 -5.97
C LYS C 80 -42.73 3.81 -7.13
N ILE C 81 -42.26 2.89 -7.98
CA ILE C 81 -43.03 2.45 -9.16
C ILE C 81 -43.09 0.92 -9.22
N ASN C 82 -44.20 0.41 -9.76
CA ASN C 82 -44.39 -1.03 -9.94
C ASN C 82 -43.48 -1.60 -11.03
N ILE C 83 -43.61 -1.06 -12.24
CA ILE C 83 -42.89 -1.59 -13.42
C ILE C 83 -41.38 -1.34 -13.35
N PRO C 84 -40.57 -2.28 -13.90
CA PRO C 84 -39.12 -2.13 -13.93
C PRO C 84 -38.66 -1.17 -15.03
N ILE C 85 -37.37 -0.81 -15.00
CA ILE C 85 -36.80 0.17 -15.92
C ILE C 85 -35.68 -0.45 -16.75
N GLY C 86 -35.91 -0.57 -18.06
CA GLY C 86 -34.92 -1.12 -18.98
C GLY C 86 -34.30 -0.06 -19.87
N PRO C 87 -33.55 -0.46 -20.90
CA PRO C 87 -32.97 0.47 -21.85
C PRO C 87 -33.99 0.91 -22.92
N CYS C 88 -33.61 1.92 -23.69
CA CYS C 88 -34.49 2.45 -24.75
C CYS C 88 -34.08 1.90 -26.10
N GLY C 89 -34.91 2.16 -27.11
CA GLY C 89 -34.60 1.80 -28.49
C GLY C 89 -33.41 2.58 -29.02
N GLY C 90 -33.26 3.82 -28.54
CA GLY C 90 -32.12 4.66 -28.92
C GLY C 90 -30.79 4.06 -28.53
N MET C 91 -30.73 3.46 -27.35
CA MET C 91 -29.54 2.74 -26.91
C MET C 91 -29.39 1.42 -27.68
N CYS C 92 -30.47 0.65 -27.75
CA CYS C 92 -30.47 -0.67 -28.40
C CYS C 92 -29.94 -0.59 -29.83
N LEU C 93 -30.48 0.34 -30.61
CA LEU C 93 -30.09 0.50 -32.01
C LEU C 93 -28.64 0.96 -32.14
N SER C 94 -28.18 1.78 -31.21
CA SER C 94 -26.80 2.26 -31.19
C SER C 94 -25.81 1.15 -30.86
N VAL C 95 -26.24 0.18 -30.05
CA VAL C 95 -25.43 -0.99 -29.72
C VAL C 95 -25.50 -2.04 -30.82
N LYS C 96 -26.70 -2.33 -31.31
CA LYS C 96 -26.92 -3.34 -32.36
C LYS C 96 -26.17 -3.01 -33.65
N ARG C 97 -26.17 -1.73 -34.01
CA ARG C 97 -25.43 -1.24 -35.18
C ARG C 97 -23.96 -1.64 -35.11
N ARG C 98 -23.36 -1.45 -33.95
CA ARG C 98 -21.92 -1.67 -33.75
C ARG C 98 -21.56 -3.14 -33.55
N CYS C 99 -22.43 -3.90 -32.89
CA CYS C 99 -22.10 -5.26 -32.44
C CYS C 99 -22.60 -6.39 -33.35
N GLU C 100 -23.59 -6.12 -34.21
CA GLU C 100 -24.10 -7.14 -35.12
C GLU C 100 -23.05 -7.62 -36.14
N PRO C 101 -22.24 -6.69 -36.68
CA PRO C 101 -21.14 -7.11 -37.56
C PRO C 101 -20.10 -7.99 -36.87
N VAL C 102 -19.91 -7.78 -35.57
CA VAL C 102 -19.00 -8.61 -34.78
C VAL C 102 -19.61 -9.99 -34.51
N LEU C 103 -20.93 -10.04 -34.29
CA LEU C 103 -21.62 -11.32 -34.13
C LEU C 103 -21.63 -12.13 -35.42
N LYS C 104 -21.92 -11.46 -36.54
CA LYS C 104 -21.94 -12.10 -37.87
C LYS C 104 -20.63 -12.79 -38.22
N GLU C 105 -19.50 -12.13 -37.93
CA GLU C 105 -18.19 -12.68 -38.24
C GLU C 105 -17.74 -13.79 -37.26
N PHE C 106 -18.38 -13.85 -36.09
CA PHE C 106 -18.15 -14.96 -35.14
C PHE C 106 -19.30 -15.98 -35.17
N GLY C 107 -20.08 -15.99 -36.25
CA GLY C 107 -21.13 -16.99 -36.43
C GLY C 107 -22.32 -16.82 -35.52
N PHE C 108 -22.86 -15.60 -35.48
CA PHE C 108 -24.04 -15.28 -34.68
C PHE C 108 -24.86 -14.15 -35.31
N ALA C 109 -26.14 -14.11 -34.98
CA ALA C 109 -27.01 -12.99 -35.34
C ALA C 109 -27.49 -12.31 -34.06
N TRP C 110 -28.13 -11.15 -34.22
CA TRP C 110 -28.69 -10.43 -33.09
C TRP C 110 -29.90 -11.21 -32.56
N PRO C 111 -29.90 -11.56 -31.26
CA PRO C 111 -30.94 -12.43 -30.71
C PRO C 111 -32.31 -11.78 -30.58
N GLU C 112 -33.34 -12.62 -30.53
CA GLU C 112 -34.73 -12.16 -30.37
C GLU C 112 -34.96 -11.61 -28.96
N SER C 113 -34.18 -12.10 -27.99
CA SER C 113 -34.25 -11.61 -26.60
C SER C 113 -33.85 -10.14 -26.46
N LEU C 114 -32.99 -9.67 -27.36
CA LEU C 114 -32.58 -8.26 -27.38
C LEU C 114 -33.17 -7.53 -28.58
N ASN C 115 -34.46 -7.76 -28.83
CA ASN C 115 -35.15 -7.11 -29.94
C ASN C 115 -35.43 -5.64 -29.60
N CYS C 116 -34.91 -4.72 -30.41
CA CYS C 116 -35.05 -3.30 -30.13
C CYS C 116 -36.49 -2.80 -30.27
N SER C 117 -37.32 -3.53 -31.02
CA SER C 117 -38.73 -3.21 -31.16
C SER C 117 -39.52 -3.39 -29.86
N LYS C 118 -39.07 -4.29 -28.99
CA LYS C 118 -39.74 -4.55 -27.72
C LYS C 118 -39.61 -3.37 -26.75
N PHE C 119 -38.46 -2.69 -26.80
CA PHE C 119 -38.19 -1.54 -25.92
C PHE C 119 -38.87 -0.29 -26.47
N PRO C 120 -39.17 0.69 -25.59
CA PRO C 120 -39.80 1.92 -26.07
C PRO C 120 -38.83 2.80 -26.87
N PRO C 121 -39.36 3.80 -27.60
CA PRO C 121 -38.51 4.64 -28.46
C PRO C 121 -37.55 5.53 -27.66
N GLN C 122 -38.09 6.25 -26.70
CA GLN C 122 -37.28 7.11 -25.81
C GLN C 122 -37.89 7.13 -24.40
N ASN C 123 -37.19 7.79 -23.48
CA ASN C 123 -37.70 8.03 -22.14
C ASN C 123 -38.83 9.06 -22.16
N ASP C 124 -40.01 8.62 -22.59
CA ASP C 124 -41.17 9.50 -22.78
C ASP C 124 -41.85 9.83 -21.45
N HIS C 125 -42.96 10.57 -21.53
CA HIS C 125 -43.81 10.81 -20.37
C HIS C 125 -44.52 9.52 -19.98
N ASN C 126 -45.00 8.81 -21.01
CA ASN C 126 -45.76 7.57 -20.84
C ASN C 126 -44.86 6.41 -20.43
N HIS C 127 -43.87 6.11 -21.27
CA HIS C 127 -42.91 5.04 -21.01
C HIS C 127 -41.78 5.59 -20.14
N MET C 128 -40.82 4.74 -19.80
CA MET C 128 -39.60 5.20 -19.12
C MET C 128 -38.46 4.19 -19.22
N CYS C 129 -37.28 4.69 -19.61
CA CYS C 129 -36.12 3.84 -19.83
C CYS C 129 -34.82 4.63 -19.74
N MET C 130 -33.69 3.91 -19.70
CA MET C 130 -32.38 4.53 -19.57
C MET C 130 -31.68 4.67 -20.93
N GLU C 131 -31.18 5.88 -21.21
CA GLU C 131 -30.52 6.16 -22.48
C GLU C 131 -29.06 5.71 -22.42
N ARG D 14 25.96 18.81 0.31
CA ARG D 14 25.25 17.59 0.78
C ARG D 14 23.73 17.77 0.75
N ARG D 15 23.03 16.73 0.30
CA ARG D 15 21.57 16.77 0.18
C ARG D 15 20.90 16.49 1.52
N CYS D 16 19.56 16.36 1.51
CA CYS D 16 18.78 16.22 2.72
C CYS D 16 18.31 14.76 2.93
N ASP D 17 17.76 14.49 4.11
CA ASP D 17 17.34 13.14 4.52
C ASP D 17 15.81 13.04 4.63
N PRO D 18 15.27 11.82 4.62
CA PRO D 18 13.83 11.63 4.83
C PRO D 18 13.45 11.63 6.31
N ILE D 19 12.19 11.92 6.59
CA ILE D 19 11.69 11.98 7.97
C ILE D 19 11.33 10.57 8.47
N ARG D 20 12.16 10.05 9.39
CA ARG D 20 11.98 8.69 9.93
C ARG D 20 10.98 8.62 11.08
N ILE D 21 10.61 9.76 11.66
CA ILE D 21 9.70 9.80 12.80
C ILE D 21 8.26 9.60 12.32
N SER D 22 7.46 8.89 13.12
CA SER D 22 6.11 8.50 12.73
C SER D 22 5.11 9.64 12.76
N MET D 23 5.03 10.34 13.89
CA MET D 23 4.07 11.42 14.08
C MET D 23 4.30 12.64 13.18
N CYS D 24 5.56 12.87 12.80
CA CYS D 24 5.92 14.04 11.99
C CYS D 24 6.15 13.71 10.51
N GLN D 25 5.50 12.66 10.02
CA GLN D 25 5.64 12.28 8.60
C GLN D 25 4.69 13.10 7.72
N ASN D 26 3.39 12.98 7.98
CA ASN D 26 2.43 13.79 7.25
C ASN D 26 2.39 15.23 7.77
N LEU D 27 3.13 16.11 7.10
CA LEU D 27 3.09 17.54 7.34
C LEU D 27 3.13 18.25 5.98
N GLY D 28 3.48 19.53 5.96
CA GLY D 28 3.69 20.24 4.71
C GLY D 28 4.92 19.78 3.93
N TYR D 29 5.83 19.08 4.61
CA TYR D 29 7.06 18.58 3.99
C TYR D 29 7.33 17.13 4.39
N ASN D 30 8.24 16.49 3.67
CA ASN D 30 8.65 15.11 3.95
C ASN D 30 10.17 14.93 3.94
N VAL D 31 10.89 16.00 4.26
CA VAL D 31 12.35 16.03 4.23
C VAL D 31 12.89 16.79 5.44
N THR D 32 13.97 16.28 6.05
CA THR D 32 14.53 16.90 7.27
C THR D 32 16.04 16.66 7.39
N LYS D 33 16.70 17.51 8.17
CA LYS D 33 18.15 17.41 8.36
C LYS D 33 18.49 17.60 9.84
N MET D 34 19.24 16.64 10.39
CA MET D 34 19.71 16.72 11.77
C MET D 34 21.15 17.29 11.78
N PRO D 35 21.58 17.92 12.87
CA PRO D 35 20.85 18.03 14.12
C PRO D 35 19.70 19.04 14.09
N ASN D 36 18.74 18.85 15.00
CA ASN D 36 17.56 19.71 15.08
C ASN D 36 17.82 20.98 15.90
N LEU D 37 16.76 21.75 16.16
CA LEU D 37 16.88 23.06 16.80
C LEU D 37 16.97 22.99 18.33
N VAL D 38 16.60 21.86 18.92
CA VAL D 38 16.69 21.65 20.36
C VAL D 38 18.11 21.25 20.77
N GLY D 39 18.74 20.42 19.95
CA GLY D 39 20.08 19.89 20.26
C GLY D 39 20.29 18.40 20.01
N HIS D 40 19.24 17.70 19.56
CA HIS D 40 19.36 16.28 19.23
C HIS D 40 20.16 16.09 17.94
N GLU D 41 21.05 15.10 17.93
CA GLU D 41 21.89 14.80 16.77
C GLU D 41 21.29 13.73 15.86
N LEU D 42 20.40 12.90 16.41
CA LEU D 42 19.70 11.88 15.62
C LEU D 42 18.21 11.89 15.91
N GLN D 43 17.44 11.42 14.93
CA GLN D 43 15.98 11.46 14.99
C GLN D 43 15.39 10.47 15.99
N THR D 44 16.09 9.37 16.22
CA THR D 44 15.66 8.39 17.21
C THR D 44 15.57 9.01 18.62
N ASP D 45 16.50 9.90 18.95
CA ASP D 45 16.50 10.59 20.25
C ASP D 45 15.39 11.66 20.31
N ALA D 46 15.16 12.33 19.19
CA ALA D 46 14.12 13.34 19.11
C ALA D 46 12.74 12.74 19.34
N GLU D 47 12.48 11.59 18.73
CA GLU D 47 11.21 10.87 18.91
C GLU D 47 11.02 10.40 20.35
N LEU D 48 12.12 10.07 21.00
CA LEU D 48 12.12 9.66 22.42
C LEU D 48 11.61 10.78 23.33
N GLN D 49 11.89 12.02 22.95
CA GLN D 49 11.44 13.19 23.70
C GLN D 49 10.13 13.79 23.18
N LEU D 50 9.87 13.64 21.89
CA LEU D 50 8.65 14.18 21.27
C LEU D 50 7.37 13.54 21.79
N THR D 51 7.41 12.23 22.05
CA THR D 51 6.23 11.49 22.47
C THR D 51 5.71 11.88 23.86
N THR D 52 6.51 12.61 24.64
CA THR D 52 6.04 13.15 25.92
C THR D 52 5.06 14.32 25.75
N PHE D 53 5.00 14.88 24.54
CA PHE D 53 4.03 15.94 24.21
C PHE D 53 2.67 15.41 23.76
N THR D 54 2.51 14.09 23.71
CA THR D 54 1.27 13.47 23.23
C THR D 54 0.01 13.81 24.03
N PRO D 55 0.13 14.04 25.36
CA PRO D 55 -1.10 14.43 26.06
C PRO D 55 -1.55 15.84 25.68
N LEU D 56 -0.60 16.75 25.51
CA LEU D 56 -0.88 18.13 25.16
C LEU D 56 -1.44 18.22 23.73
N ILE D 57 -0.95 17.33 22.86
CA ILE D 57 -1.49 17.22 21.50
C ILE D 57 -2.90 16.64 21.53
N GLN D 58 -3.07 15.54 22.25
CA GLN D 58 -4.38 14.89 22.34
C GLN D 58 -5.42 15.78 23.02
N TYR D 59 -4.97 16.57 23.99
CA TYR D 59 -5.83 17.54 24.66
C TYR D 59 -6.26 18.63 23.68
N GLY D 60 -5.30 19.13 22.92
CA GLY D 60 -5.57 20.13 21.89
C GLY D 60 -5.77 21.52 22.44
N CYS D 61 -4.73 22.06 23.08
CA CYS D 61 -4.71 23.47 23.47
C CYS D 61 -4.60 24.34 22.21
N SER D 62 -3.71 23.94 21.31
CA SER D 62 -3.54 24.59 20.02
C SER D 62 -3.59 23.55 18.90
N SER D 63 -4.27 23.87 17.81
CA SER D 63 -4.36 22.98 16.65
C SER D 63 -3.01 22.87 15.91
N GLN D 64 -2.25 23.96 15.93
CA GLN D 64 -0.93 24.00 15.29
C GLN D 64 0.20 23.43 16.15
N LEU D 65 -0.11 23.00 17.37
CA LEU D 65 0.89 22.47 18.30
C LEU D 65 1.77 21.39 17.66
N GLN D 66 1.14 20.42 17.00
CA GLN D 66 1.86 19.30 16.42
C GLN D 66 2.83 19.75 15.32
N PHE D 67 2.36 20.64 14.45
CA PHE D 67 3.21 21.19 13.41
C PHE D 67 4.36 22.00 14.00
N PHE D 68 4.08 22.75 15.06
CA PHE D 68 5.11 23.54 15.75
C PHE D 68 6.17 22.65 16.38
N LEU D 69 5.74 21.58 17.04
CA LEU D 69 6.67 20.62 17.65
C LEU D 69 7.49 19.90 16.59
N CYS D 70 6.84 19.48 15.51
CA CYS D 70 7.53 18.79 14.41
C CYS D 70 8.48 19.70 13.64
N SER D 71 8.18 21.00 13.59
CA SER D 71 9.06 21.97 12.94
C SER D 71 10.34 22.22 13.74
N VAL D 72 10.28 21.99 15.05
CA VAL D 72 11.43 22.16 15.93
C VAL D 72 12.26 20.89 16.00
N TYR D 73 11.63 19.80 16.43
CA TYR D 73 12.32 18.52 16.69
C TYR D 73 12.80 17.81 15.42
N VAL D 74 12.11 18.03 14.30
CA VAL D 74 12.50 17.46 13.02
C VAL D 74 12.25 18.49 11.92
N PRO D 75 13.12 19.52 11.85
CA PRO D 75 12.85 20.71 11.05
C PRO D 75 12.87 20.48 9.54
N MET D 76 12.13 21.30 8.81
CA MET D 76 12.14 21.28 7.35
C MET D 76 13.53 21.61 6.83
N CYS D 77 13.87 21.03 5.69
CA CYS D 77 15.14 21.29 5.02
C CYS D 77 14.97 21.15 3.51
N THR D 78 15.77 21.92 2.78
CA THR D 78 15.82 21.85 1.32
C THR D 78 17.28 21.85 0.86
N GLU D 79 17.56 21.12 -0.22
CA GLU D 79 18.92 21.06 -0.76
C GLU D 79 19.28 22.27 -1.62
N LYS D 80 18.39 23.28 -1.65
CA LYS D 80 18.69 24.56 -2.28
C LYS D 80 19.38 25.54 -1.33
N ILE D 81 19.22 25.31 -0.02
CA ILE D 81 19.76 26.20 1.01
C ILE D 81 20.49 25.40 2.10
N ASN D 82 21.51 26.00 2.70
CA ASN D 82 22.28 25.35 3.76
C ASN D 82 21.51 25.23 5.06
N ILE D 83 21.05 26.36 5.59
CA ILE D 83 20.36 26.38 6.90
C ILE D 83 18.98 25.71 6.85
N PRO D 84 18.57 25.09 7.97
CA PRO D 84 17.26 24.46 8.04
C PRO D 84 16.13 25.48 8.27
N ILE D 85 14.88 25.02 8.20
CA ILE D 85 13.73 25.89 8.34
C ILE D 85 12.84 25.44 9.51
N GLY D 86 12.76 26.29 10.53
CA GLY D 86 11.93 26.01 11.70
C GLY D 86 10.73 26.93 11.74
N PRO D 87 10.02 26.97 12.89
CA PRO D 87 8.90 27.89 13.06
C PRO D 87 9.37 29.29 13.42
N CYS D 88 8.44 30.25 13.40
CA CYS D 88 8.74 31.63 13.73
C CYS D 88 8.30 31.93 15.16
N GLY D 89 8.66 33.14 15.63
CA GLY D 89 8.14 33.65 16.88
C GLY D 89 6.64 33.85 16.83
N GLY D 90 6.13 34.19 15.64
CA GLY D 90 4.70 34.35 15.41
C GLY D 90 3.91 33.09 15.69
N MET D 91 4.45 31.95 15.27
CA MET D 91 3.85 30.65 15.56
C MET D 91 4.03 30.30 17.04
N CYS D 92 5.27 30.42 17.53
CA CYS D 92 5.62 30.06 18.90
C CYS D 92 4.73 30.77 19.92
N LEU D 93 4.60 32.08 19.78
CA LEU D 93 3.80 32.88 20.71
C LEU D 93 2.32 32.54 20.62
N SER D 94 1.84 32.20 19.43
CA SER D 94 0.45 31.81 19.22
C SER D 94 0.13 30.45 19.85
N VAL D 95 1.11 29.57 19.89
CA VAL D 95 0.96 28.26 20.52
C VAL D 95 1.17 28.36 22.04
N LYS D 96 2.19 29.09 22.47
CA LYS D 96 2.51 29.25 23.89
C LYS D 96 1.38 29.93 24.66
N ARG D 97 0.75 30.92 24.03
CA ARG D 97 -0.41 31.61 24.59
C ARG D 97 -1.50 30.62 25.00
N ARG D 98 -1.79 29.68 24.10
CA ARG D 98 -2.87 28.71 24.29
C ARG D 98 -2.50 27.55 25.22
N CYS D 99 -1.25 27.10 25.14
CA CYS D 99 -0.84 25.84 25.79
C CYS D 99 -0.17 25.97 27.14
N GLU D 100 0.43 27.13 27.44
CA GLU D 100 1.08 27.34 28.73
C GLU D 100 0.10 27.29 29.90
N PRO D 101 -1.11 27.88 29.74
CA PRO D 101 -2.14 27.76 30.78
C PRO D 101 -2.57 26.31 31.05
N VAL D 102 -2.53 25.47 30.02
CA VAL D 102 -2.86 24.06 30.15
C VAL D 102 -1.73 23.30 30.87
N LEU D 103 -0.48 23.67 30.58
CA LEU D 103 0.67 23.08 31.26
C LEU D 103 0.72 23.49 32.72
N LYS D 104 0.49 24.77 33.00
CA LYS D 104 0.51 25.29 34.37
C LYS D 104 -0.50 24.62 35.29
N GLU D 105 -1.70 24.35 34.77
CA GLU D 105 -2.76 23.69 35.56
C GLU D 105 -2.51 22.19 35.77
N PHE D 106 -1.68 21.59 34.92
CA PHE D 106 -1.26 20.20 35.12
C PHE D 106 0.17 20.09 35.66
N GLY D 107 0.66 21.16 36.28
CA GLY D 107 1.97 21.16 36.93
C GLY D 107 3.15 21.08 35.97
N PHE D 108 3.17 21.97 34.99
CA PHE D 108 4.29 22.06 34.04
C PHE D 108 4.47 23.50 33.54
N ALA D 109 5.71 23.87 33.24
CA ALA D 109 6.02 25.20 32.73
C ALA D 109 6.52 25.11 31.29
N TRP D 110 6.54 26.23 30.60
CA TRP D 110 7.02 26.27 29.22
C TRP D 110 8.54 26.06 29.21
N PRO D 111 9.01 25.06 28.45
CA PRO D 111 10.43 24.68 28.52
C PRO D 111 11.38 25.68 27.85
N GLU D 112 12.64 25.63 28.27
CA GLU D 112 13.71 26.46 27.69
C GLU D 112 14.01 26.04 26.25
N SER D 113 13.79 24.76 25.95
CA SER D 113 14.00 24.22 24.61
C SER D 113 13.03 24.81 23.58
N LEU D 114 11.85 25.24 24.03
CA LEU D 114 10.87 25.89 23.15
C LEU D 114 10.78 27.38 23.45
N ASN D 115 11.92 28.03 23.62
CA ASN D 115 11.95 29.47 23.91
C ASN D 115 11.66 30.25 22.63
N CYS D 116 10.61 31.06 22.64
CA CYS D 116 10.21 31.80 21.45
C CYS D 116 11.20 32.89 21.05
N SER D 117 12.00 33.34 22.01
CA SER D 117 13.05 34.34 21.75
C SER D 117 14.18 33.79 20.87
N LYS D 118 14.41 32.48 20.93
CA LYS D 118 15.49 31.87 20.13
C LYS D 118 15.16 31.88 18.64
N PHE D 119 13.88 31.73 18.30
CA PHE D 119 13.43 31.70 16.90
C PHE D 119 13.30 33.13 16.38
N PRO D 120 13.38 33.31 15.04
CA PRO D 120 13.28 34.66 14.48
C PRO D 120 11.86 35.23 14.58
N PRO D 121 11.71 36.55 14.39
CA PRO D 121 10.40 37.18 14.55
C PRO D 121 9.42 36.79 13.45
N GLN D 122 9.86 36.89 12.19
CA GLN D 122 8.99 36.71 11.04
C GLN D 122 9.75 36.02 9.91
N ASN D 123 9.01 35.47 8.94
CA ASN D 123 9.57 35.01 7.68
C ASN D 123 10.03 36.22 6.85
N ASP D 124 11.18 36.78 7.23
CA ASP D 124 11.68 38.01 6.62
C ASP D 124 12.29 37.74 5.25
N HIS D 125 12.73 38.81 4.59
CA HIS D 125 13.60 38.69 3.42
C HIS D 125 14.97 38.15 3.85
N ASN D 126 15.44 38.62 5.01
CA ASN D 126 16.74 38.24 5.56
C ASN D 126 16.71 36.81 6.13
N HIS D 127 15.84 36.58 7.11
CA HIS D 127 15.66 35.26 7.74
C HIS D 127 14.63 34.46 6.94
N MET D 128 14.23 33.30 7.45
CA MET D 128 13.11 32.55 6.88
C MET D 128 12.63 31.41 7.78
N CYS D 129 11.31 31.35 7.99
CA CYS D 129 10.70 30.34 8.86
C CYS D 129 9.22 30.10 8.49
N MET D 130 8.61 29.07 9.08
CA MET D 130 7.24 28.68 8.76
C MET D 130 6.22 29.26 9.74
N GLU D 131 5.14 29.83 9.20
CA GLU D 131 4.11 30.46 10.01
C GLU D 131 3.17 29.40 10.61
C1 NAG E . -25.65 2.89 -2.51
C2 NAG E . -26.99 2.68 -1.80
C3 NAG E . -28.08 3.62 -2.36
C4 NAG E . -27.55 5.04 -2.51
C5 NAG E . -26.24 5.07 -3.31
C6 NAG E . -25.17 5.89 -2.60
C7 NAG E . -26.92 0.32 -1.15
C8 NAG E . -27.46 -1.06 -1.38
N2 NAG E . -27.42 1.30 -1.91
O3 NAG E . -29.19 3.62 -1.49
O4 NAG E . -28.53 5.82 -3.17
O5 NAG E . -25.78 3.77 -3.61
O6 NAG E . -23.94 5.76 -3.29
O7 NAG E . -26.05 0.51 -0.29
C1 NAG F . -40.06 -7.86 -33.15
C2 NAG F . -40.54 -8.34 -34.52
C3 NAG F . -41.96 -7.82 -34.77
C4 NAG F . -42.87 -8.13 -33.58
C5 NAG F . -42.24 -7.66 -32.27
C6 NAG F . -43.10 -8.01 -31.06
C7 NAG F . -39.07 -8.65 -36.48
C8 NAG F . -38.14 -7.99 -37.45
N2 NAG F . -39.61 -7.87 -35.53
O3 NAG F . -42.49 -8.42 -35.94
O4 NAG F . -44.12 -7.50 -33.77
O5 NAG F . -40.96 -8.26 -32.14
O6 NAG F . -43.83 -6.89 -30.66
O7 NAG F . -39.30 -9.86 -36.58
C1 NAG G . 7.34 14.41 -2.52
C2 NAG G . 5.97 13.73 -2.45
C3 NAG G . 4.80 14.69 -2.25
C4 NAG G . 4.90 16.00 -3.04
C5 NAG G . 6.31 16.20 -3.61
C6 NAG G . 6.57 17.65 -4.01
C7 NAG G . 6.37 11.74 -3.82
C8 NAG G . 6.09 11.01 -5.10
N2 NAG G . 5.78 12.92 -3.65
O3 NAG G . 4.67 14.99 -0.88
O4 NAG G . 3.96 16.01 -4.09
O5 NAG G . 7.24 15.81 -2.62
O6 NAG G . 6.50 17.79 -5.41
O7 NAG G . 7.14 11.23 -3.00
C1 NAG H . 14.82 33.70 26.80
C2 NAG H . 15.64 34.99 26.73
C3 NAG H . 15.50 35.79 28.02
C4 NAG H . 14.03 35.91 28.45
C5 NAG H . 13.33 34.55 28.41
C6 NAG H . 11.84 34.67 28.74
C7 NAG H . 17.85 35.32 25.68
C8 NAG H . 19.25 34.81 25.56
N2 NAG H . 17.03 34.64 26.49
O3 NAG H . 16.03 37.09 27.83
O4 NAG H . 13.98 36.43 29.76
O5 NAG H . 13.47 33.99 27.13
O6 NAG H . 11.63 34.42 30.12
O7 NAG H . 17.51 36.33 25.05
#